data_8E2S
#
_entry.id   8E2S
#
_cell.length_a   59.495
_cell.length_b   63.396
_cell.length_c   95.169
_cell.angle_alpha   87.890
_cell.angle_beta   82.820
_cell.angle_gamma   77.140
#
_symmetry.space_group_name_H-M   'P 1'
#
loop_
_entity.id
_entity.type
_entity.pdbx_description
1 polymer 'tRNA-specific adenosine deaminase 1.19'
2 non-polymer 'ZINC ION'
3 water water
#
_entity_poly.entity_id   1
_entity_poly.type   'polypeptide(L)'
_entity_poly.pdbx_seq_one_letter_code
;MSEVEFSHEYWMRHALTLAKRARDERGVPVGAVLVLNNRVIGEGWNRANGLHDPTAHAEIMALRQGGLVMQNYRLYDATL
YSTFEPCVMCAGAMIHSRIGRVVFGVRNAKTGAAGSLMDVLHHPGMNHRVEITEGILADECAALLCRFFRMPRRVFNAQK
KAQSSTD
;
_entity_poly.pdbx_strand_id   A,B,C,D,E,F,G,H
#
# COMPACT_ATOMS: atom_id res chain seq x y z
N GLU A 3 12.99 3.16 -43.44
CA GLU A 3 12.36 3.27 -44.75
C GLU A 3 11.97 4.71 -45.05
N VAL A 4 11.19 4.89 -46.12
CA VAL A 4 10.71 6.22 -46.46
C VAL A 4 9.85 6.75 -45.32
N GLU A 5 10.14 7.97 -44.89
CA GLU A 5 9.51 8.51 -43.68
C GLU A 5 8.01 8.64 -43.85
N PHE A 6 7.28 8.31 -42.78
CA PHE A 6 5.83 8.49 -42.70
C PHE A 6 5.08 7.61 -43.70
N SER A 7 5.67 6.47 -44.04
CA SER A 7 5.10 5.54 -45.01
C SER A 7 4.58 4.31 -44.27
N HIS A 8 3.88 3.45 -45.02
CA HIS A 8 3.38 2.20 -44.45
C HIS A 8 4.52 1.32 -43.97
N GLU A 9 5.57 1.18 -44.78
CA GLU A 9 6.72 0.38 -44.39
C GLU A 9 7.46 1.00 -43.20
N TYR A 10 7.41 2.33 -43.08
CA TYR A 10 8.07 3.01 -41.97
C TYR A 10 7.44 2.62 -40.64
N TRP A 11 6.11 2.68 -40.56
CA TRP A 11 5.43 2.33 -39.32
C TRP A 11 5.46 0.83 -39.05
N MET A 12 5.53 0.01 -40.11
CA MET A 12 5.62 -1.43 -39.92
C MET A 12 6.92 -1.81 -39.20
N ARG A 13 8.01 -1.09 -39.49
CA ARG A 13 9.27 -1.34 -38.80
C ARG A 13 9.15 -1.04 -37.31
N HIS A 14 8.37 -0.02 -36.95
CA HIS A 14 8.15 0.26 -35.53
C HIS A 14 7.35 -0.87 -34.87
N ALA A 15 6.38 -1.43 -35.60
CA ALA A 15 5.62 -2.56 -35.06
C ALA A 15 6.48 -3.81 -34.96
N LEU A 16 7.42 -4.00 -35.90
CA LEU A 16 8.31 -5.16 -35.84
C LEU A 16 9.22 -5.10 -34.62
N THR A 17 9.70 -3.90 -34.26
CA THR A 17 10.53 -3.76 -33.08
C THR A 17 9.76 -4.07 -31.81
N LEU A 18 8.51 -3.58 -31.72
CA LEU A 18 7.69 -3.83 -30.54
C LEU A 18 7.35 -5.31 -30.39
N ALA A 19 7.32 -6.06 -31.50
CA ALA A 19 6.99 -7.47 -31.43
C ALA A 19 8.03 -8.27 -30.65
N LYS A 20 9.26 -7.76 -30.52
CA LYS A 20 10.29 -8.46 -29.77
C LYS A 20 9.93 -8.54 -28.28
N ARG A 21 9.13 -7.60 -27.78
CA ARG A 21 8.74 -7.65 -26.38
C ARG A 21 7.78 -8.79 -26.09
N ALA A 22 7.11 -9.32 -27.11
CA ALA A 22 6.20 -10.45 -26.96
C ALA A 22 6.88 -11.79 -27.20
N ARG A 23 8.20 -11.87 -26.97
CA ARG A 23 8.92 -13.11 -27.23
C ARG A 23 8.56 -14.19 -26.23
N ASP A 24 8.25 -13.82 -24.99
CA ASP A 24 7.91 -14.77 -23.93
C ASP A 24 6.42 -15.02 -23.82
N GLU A 25 5.67 -14.93 -24.92
CA GLU A 25 4.23 -15.14 -24.91
C GLU A 25 3.87 -16.33 -25.78
N ARG A 26 2.84 -17.05 -25.36
CA ARG A 26 2.35 -18.23 -26.09
C ARG A 26 1.70 -17.77 -27.39
N GLY A 27 2.36 -18.01 -28.51
CA GLY A 27 1.84 -17.66 -29.81
C GLY A 27 2.82 -16.84 -30.61
N VAL A 28 2.36 -16.40 -31.78
CA VAL A 28 3.20 -15.58 -32.66
C VAL A 28 3.40 -14.21 -32.01
N PRO A 29 4.62 -13.69 -31.98
CA PRO A 29 4.83 -12.34 -31.42
C PRO A 29 4.22 -11.29 -32.35
N VAL A 30 3.38 -10.43 -31.78
CA VAL A 30 2.70 -9.38 -32.52
C VAL A 30 3.08 -8.04 -31.93
N GLY A 31 3.38 -7.09 -32.80
CA GLY A 31 3.65 -5.72 -32.39
C GLY A 31 2.75 -4.78 -33.13
N ALA A 32 2.23 -3.78 -32.41
CA ALA A 32 1.27 -2.85 -32.98
C ALA A 32 1.61 -1.43 -32.58
N VAL A 33 1.33 -0.50 -33.49
CA VAL A 33 1.51 0.93 -33.25
C VAL A 33 0.34 1.67 -33.87
N LEU A 34 -0.22 2.64 -33.13
CA LEU A 34 -1.34 3.43 -33.58
C LEU A 34 -0.84 4.81 -33.97
N VAL A 35 -1.12 5.22 -35.21
CA VAL A 35 -0.61 6.45 -35.78
C VAL A 35 -1.78 7.31 -36.22
N LEU A 36 -1.76 8.59 -35.86
CA LEU A 36 -2.75 9.56 -36.31
C LEU A 36 -2.02 10.82 -36.77
N ASN A 37 -2.16 11.15 -38.05
CA ASN A 37 -1.52 12.31 -38.66
C ASN A 37 0.01 12.25 -38.50
N ASN A 38 0.57 11.09 -38.86
CA ASN A 38 2.02 10.84 -38.82
C ASN A 38 2.59 11.04 -37.43
N ARG A 39 1.81 10.73 -36.39
CA ARG A 39 2.28 10.84 -35.01
C ARG A 39 1.84 9.60 -34.25
N VAL A 40 2.74 9.09 -33.42
CA VAL A 40 2.45 7.90 -32.61
C VAL A 40 1.59 8.32 -31.43
N ILE A 41 0.38 7.76 -31.35
CA ILE A 41 -0.50 7.97 -30.22
C ILE A 41 -0.74 6.71 -29.40
N GLY A 42 -0.31 5.55 -29.89
CA GLY A 42 -0.48 4.30 -29.18
C GLY A 42 0.49 3.22 -29.60
N GLU A 43 1.01 2.48 -28.63
CA GLU A 43 1.93 1.37 -28.88
C GLU A 43 1.48 0.15 -28.08
N GLY A 44 1.81 -1.03 -28.60
CA GLY A 44 1.41 -2.25 -27.93
C GLY A 44 2.04 -3.52 -28.46
N TRP A 45 2.16 -4.52 -27.60
CA TRP A 45 2.62 -5.85 -27.98
C TRP A 45 1.81 -6.88 -27.21
N ASN A 46 1.96 -8.14 -27.59
CA ASN A 46 1.24 -9.22 -26.93
C ASN A 46 1.76 -9.39 -25.51
N ARG A 47 0.89 -9.22 -24.52
CA ARG A 47 1.28 -9.36 -23.12
C ARG A 47 0.13 -9.96 -22.31
N ALA A 48 -0.52 -11.00 -22.85
CA ALA A 48 -1.64 -11.61 -22.15
C ALA A 48 -1.20 -12.23 -20.82
N ASN A 49 -0.14 -13.04 -20.84
CA ASN A 49 0.34 -13.64 -19.61
C ASN A 49 1.05 -12.63 -18.72
N GLY A 50 1.77 -11.68 -19.33
CA GLY A 50 2.49 -10.68 -18.56
C GLY A 50 1.59 -9.68 -17.87
N LEU A 51 0.38 -9.47 -18.38
CA LEU A 51 -0.56 -8.51 -17.82
C LEU A 51 -1.75 -9.15 -17.14
N HIS A 52 -1.85 -10.50 -17.18
CA HIS A 52 -2.99 -11.21 -16.63
C HIS A 52 -4.30 -10.69 -17.22
N ASP A 53 -4.26 -10.34 -18.50
CA ASP A 53 -5.40 -9.75 -19.19
C ASP A 53 -5.68 -10.58 -20.43
N PRO A 54 -6.83 -11.25 -20.53
CA PRO A 54 -7.16 -12.02 -21.73
C PRO A 54 -7.33 -11.15 -22.97
N THR A 55 -7.40 -9.83 -22.82
CA THR A 55 -7.54 -8.90 -23.93
C THR A 55 -6.24 -8.17 -24.22
N ALA A 56 -5.14 -8.52 -23.56
CA ALA A 56 -3.87 -7.81 -23.69
C ALA A 56 -3.13 -8.21 -24.97
N HIS A 57 -3.80 -8.01 -26.09
CA HIS A 57 -3.19 -8.22 -27.40
C HIS A 57 -2.47 -6.96 -27.87
N ALA A 58 -1.62 -7.14 -28.88
CA ALA A 58 -0.82 -6.01 -29.37
C ALA A 58 -1.72 -4.88 -29.87
N GLU A 59 -2.70 -5.21 -30.71
CA GLU A 59 -3.59 -4.20 -31.26
C GLU A 59 -4.40 -3.53 -30.15
N ILE A 60 -4.83 -4.30 -29.15
CA ILE A 60 -5.68 -3.75 -28.09
C ILE A 60 -4.90 -2.76 -27.24
N MET A 61 -3.67 -3.13 -26.85
CA MET A 61 -2.85 -2.21 -26.06
C MET A 61 -2.59 -0.90 -26.80
N ALA A 62 -2.42 -0.98 -28.12
CA ALA A 62 -2.23 0.23 -28.90
C ALA A 62 -3.50 1.07 -28.93
N LEU A 63 -4.66 0.43 -29.06
CA LEU A 63 -5.92 1.18 -29.03
C LEU A 63 -6.20 1.72 -27.64
N ARG A 64 -5.85 0.95 -26.59
CA ARG A 64 -6.07 1.42 -25.23
C ARG A 64 -5.19 2.62 -24.89
N GLN A 65 -3.93 2.59 -25.34
CA GLN A 65 -3.04 3.72 -25.10
C GLN A 65 -3.44 4.94 -25.92
N GLY A 66 -3.96 4.72 -27.14
CA GLY A 66 -4.41 5.83 -27.95
C GLY A 66 -5.58 6.60 -27.34
N GLY A 67 -6.53 5.87 -26.75
CA GLY A 67 -7.64 6.54 -26.10
C GLY A 67 -7.22 7.37 -24.92
N LEU A 68 -6.18 6.96 -24.21
CA LEU A 68 -5.67 7.75 -23.10
C LEU A 68 -4.96 9.01 -23.61
N VAL A 69 -4.19 8.87 -24.70
CA VAL A 69 -3.48 10.02 -25.25
C VAL A 69 -4.46 11.00 -25.88
N MET A 70 -5.45 10.50 -26.61
CA MET A 70 -6.43 11.35 -27.25
C MET A 70 -7.56 11.78 -26.31
N GLN A 71 -7.60 11.24 -25.10
CA GLN A 71 -8.66 11.53 -24.13
C GLN A 71 -10.04 11.31 -24.74
N ASN A 72 -10.17 10.25 -25.53
CA ASN A 72 -11.40 9.92 -26.22
C ASN A 72 -11.34 8.47 -26.66
N TYR A 73 -12.39 7.71 -26.33
CA TYR A 73 -12.43 6.31 -26.75
C TYR A 73 -12.67 6.16 -28.25
N ARG A 74 -12.95 7.25 -28.96
CA ARG A 74 -13.12 7.23 -30.41
C ARG A 74 -11.86 7.82 -31.04
N LEU A 75 -11.16 7.00 -31.83
CA LEU A 75 -9.91 7.40 -32.46
C LEU A 75 -10.12 7.53 -33.97
N TYR A 76 -10.84 8.58 -34.35
CA TYR A 76 -11.17 8.79 -35.76
C TYR A 76 -9.91 9.07 -36.58
N ASP A 77 -9.94 8.61 -37.83
CA ASP A 77 -8.90 8.88 -38.82
C ASP A 77 -7.53 8.35 -38.42
N ALA A 78 -7.47 7.44 -37.46
CA ALA A 78 -6.20 6.84 -37.05
C ALA A 78 -5.97 5.54 -37.82
N THR A 79 -4.70 5.23 -38.05
CA THR A 79 -4.28 4.03 -38.76
C THR A 79 -3.47 3.16 -37.82
N LEU A 80 -3.84 1.88 -37.72
CA LEU A 80 -3.19 0.94 -36.81
C LEU A 80 -2.33 -0.02 -37.62
N TYR A 81 -1.04 -0.07 -37.29
CA TYR A 81 -0.09 -0.97 -37.94
C TYR A 81 0.17 -2.16 -37.03
N SER A 82 -0.13 -3.36 -37.52
CA SER A 82 0.10 -4.59 -36.78
C SER A 82 0.91 -5.55 -37.63
N THR A 83 1.74 -6.36 -36.97
CA THR A 83 2.52 -7.36 -37.69
C THR A 83 1.71 -8.60 -38.03
N PHE A 84 0.46 -8.71 -37.53
CA PHE A 84 -0.34 -9.90 -37.71
C PHE A 84 -1.78 -9.52 -38.03
N GLU A 85 -2.47 -10.42 -38.72
CA GLU A 85 -3.89 -10.25 -38.97
C GLU A 85 -4.65 -10.25 -37.66
N PRO A 86 -5.60 -9.32 -37.46
CA PRO A 86 -6.30 -9.25 -36.17
C PRO A 86 -7.25 -10.42 -35.99
N CYS A 87 -7.44 -10.78 -34.72
CA CYS A 87 -8.39 -11.83 -34.37
C CYS A 87 -9.79 -11.23 -34.25
N VAL A 88 -10.75 -12.06 -33.83
CA VAL A 88 -12.13 -11.59 -33.73
C VAL A 88 -12.25 -10.53 -32.63
N MET A 89 -11.45 -10.64 -31.56
CA MET A 89 -11.52 -9.64 -30.51
C MET A 89 -10.87 -8.34 -30.94
N CYS A 90 -9.71 -8.42 -31.59
CA CYS A 90 -9.02 -7.21 -32.04
C CYS A 90 -9.77 -6.53 -33.17
N ALA A 91 -10.33 -7.30 -34.10
CA ALA A 91 -11.09 -6.71 -35.20
C ALA A 91 -12.30 -5.96 -34.68
N GLY A 92 -12.95 -6.48 -33.65
CA GLY A 92 -14.07 -5.78 -33.05
C GLY A 92 -13.68 -4.50 -32.34
N ALA A 93 -12.48 -4.46 -31.77
CA ALA A 93 -12.02 -3.25 -31.09
C ALA A 93 -11.75 -2.11 -32.06
N MET A 94 -11.30 -2.43 -33.29
CA MET A 94 -11.06 -1.37 -34.26
C MET A 94 -12.36 -0.74 -34.74
N ILE A 95 -13.44 -1.52 -34.83
CA ILE A 95 -14.72 -0.97 -35.23
C ILE A 95 -15.26 -0.03 -34.16
N HIS A 96 -15.15 -0.42 -32.89
CA HIS A 96 -15.66 0.42 -31.82
C HIS A 96 -14.77 1.64 -31.60
N SER A 97 -13.47 1.54 -31.92
CA SER A 97 -12.60 2.70 -31.87
C SER A 97 -12.81 3.62 -33.07
N ARG A 98 -13.47 3.13 -34.13
CA ARG A 98 -13.73 3.89 -35.34
C ARG A 98 -12.44 4.37 -35.99
N ILE A 99 -11.39 3.55 -35.90
CA ILE A 99 -10.14 3.88 -36.58
C ILE A 99 -10.32 3.79 -38.08
N GLY A 100 -9.49 4.53 -38.80
CA GLY A 100 -9.65 4.64 -40.24
C GLY A 100 -9.13 3.44 -41.02
N ARG A 101 -8.03 2.84 -40.56
CA ARG A 101 -7.39 1.80 -41.34
C ARG A 101 -6.58 0.89 -40.44
N VAL A 102 -6.54 -0.39 -40.79
CA VAL A 102 -5.65 -1.37 -40.17
C VAL A 102 -4.71 -1.87 -41.25
N VAL A 103 -3.42 -1.93 -40.93
CA VAL A 103 -2.39 -2.37 -41.87
C VAL A 103 -1.63 -3.51 -41.20
N PHE A 104 -1.87 -4.74 -41.66
CA PHE A 104 -1.17 -5.89 -41.15
C PHE A 104 -0.32 -6.53 -42.24
N GLY A 105 0.76 -7.18 -41.83
CA GLY A 105 1.73 -7.71 -42.77
C GLY A 105 1.35 -9.05 -43.37
N VAL A 106 1.12 -10.05 -42.52
CA VAL A 106 0.84 -11.40 -42.97
C VAL A 106 -0.48 -11.86 -42.37
N ARG A 107 -1.17 -12.75 -43.07
CA ARG A 107 -2.48 -13.22 -42.66
C ARG A 107 -2.37 -14.28 -41.56
N ASN A 108 -3.45 -14.42 -40.80
CA ASN A 108 -3.57 -15.42 -39.74
C ASN A 108 -4.53 -16.49 -40.23
N ALA A 109 -3.98 -17.50 -40.91
CA ALA A 109 -4.80 -18.54 -41.52
C ALA A 109 -5.44 -19.49 -40.51
N LYS A 110 -5.44 -19.18 -39.22
CA LYS A 110 -6.04 -20.04 -38.20
C LYS A 110 -7.17 -19.35 -37.46
N THR A 111 -6.94 -18.13 -36.96
CA THR A 111 -7.95 -17.39 -36.22
C THR A 111 -8.12 -15.96 -36.73
N GLY A 112 -7.56 -15.63 -37.90
CA GLY A 112 -7.63 -14.28 -38.39
C GLY A 112 -9.05 -13.90 -38.79
N ALA A 113 -9.44 -12.67 -38.45
CA ALA A 113 -10.78 -12.17 -38.70
C ALA A 113 -10.79 -11.03 -39.72
N ALA A 114 -9.86 -11.04 -40.67
CA ALA A 114 -9.81 -10.05 -41.72
C ALA A 114 -9.74 -10.70 -43.10
N GLY A 115 -10.30 -11.90 -43.22
CA GLY A 115 -10.33 -12.58 -44.51
C GLY A 115 -9.98 -14.05 -44.46
N SER A 116 -9.21 -14.47 -43.44
CA SER A 116 -8.77 -15.86 -43.35
C SER A 116 -9.86 -16.77 -42.81
N LEU A 117 -10.07 -16.76 -41.49
CA LEU A 117 -11.13 -17.56 -40.90
C LEU A 117 -12.49 -16.90 -41.05
N MET A 118 -12.53 -15.57 -41.03
CA MET A 118 -13.75 -14.80 -41.26
C MET A 118 -13.34 -13.36 -41.56
N ASP A 119 -14.33 -12.50 -41.78
CA ASP A 119 -14.10 -11.09 -42.04
C ASP A 119 -15.02 -10.27 -41.15
N VAL A 120 -14.53 -9.92 -39.96
CA VAL A 120 -15.33 -9.11 -39.04
C VAL A 120 -15.24 -7.63 -39.40
N LEU A 121 -14.08 -7.18 -39.91
CA LEU A 121 -13.93 -5.77 -40.24
C LEU A 121 -14.78 -5.35 -41.44
N HIS A 122 -15.06 -6.28 -42.35
CA HIS A 122 -15.86 -6.01 -43.54
C HIS A 122 -17.21 -6.70 -43.49
N HIS A 123 -17.71 -7.03 -42.30
CA HIS A 123 -19.01 -7.64 -42.19
C HIS A 123 -20.10 -6.65 -42.59
N PRO A 124 -21.09 -7.07 -43.38
CA PRO A 124 -22.08 -6.11 -43.89
C PRO A 124 -22.97 -5.53 -42.81
N GLY A 125 -23.10 -6.20 -41.67
CA GLY A 125 -23.90 -5.71 -40.56
C GLY A 125 -23.21 -4.73 -39.63
N MET A 126 -22.01 -4.28 -39.97
CA MET A 126 -21.25 -3.41 -39.07
C MET A 126 -21.63 -1.95 -39.27
N ASN A 127 -21.48 -1.17 -38.21
CA ASN A 127 -21.75 0.26 -38.24
C ASN A 127 -20.58 1.10 -38.72
N HIS A 128 -19.39 0.51 -38.85
CA HIS A 128 -18.20 1.23 -39.29
C HIS A 128 -17.40 0.32 -40.21
N ARG A 129 -16.74 0.93 -41.20
CA ARG A 129 -15.88 0.20 -42.13
C ARG A 129 -14.45 0.65 -41.95
N VAL A 130 -13.58 -0.30 -41.61
CA VAL A 130 -12.15 -0.05 -41.45
C VAL A 130 -11.44 -0.55 -42.70
N GLU A 131 -10.66 0.32 -43.33
CA GLU A 131 -9.93 -0.06 -44.52
C GLU A 131 -8.81 -1.03 -44.17
N ILE A 132 -8.55 -1.97 -45.09
CA ILE A 132 -7.59 -3.05 -44.86
C ILE A 132 -6.47 -2.91 -45.88
N THR A 133 -5.22 -2.95 -45.40
CA THR A 133 -4.04 -2.94 -46.25
C THR A 133 -3.09 -4.02 -45.74
N GLU A 134 -2.82 -5.02 -46.58
CA GLU A 134 -1.99 -6.14 -46.20
C GLU A 134 -0.78 -6.24 -47.12
N GLY A 135 0.23 -6.97 -46.63
CA GLY A 135 1.45 -7.21 -47.39
C GLY A 135 2.59 -6.29 -47.07
N ILE A 136 2.42 -5.34 -46.15
CA ILE A 136 3.50 -4.41 -45.83
C ILE A 136 4.55 -5.13 -45.01
N LEU A 137 5.77 -5.20 -45.53
CA LEU A 137 6.87 -5.94 -44.92
C LEU A 137 6.46 -7.38 -44.66
N ALA A 138 5.86 -8.00 -45.68
CA ALA A 138 5.29 -9.33 -45.52
C ALA A 138 6.36 -10.37 -45.24
N ASP A 139 7.53 -10.24 -45.88
CA ASP A 139 8.59 -11.22 -45.68
C ASP A 139 9.11 -11.21 -44.25
N GLU A 140 9.29 -10.01 -43.68
CA GLU A 140 9.75 -9.92 -42.29
C GLU A 140 8.64 -10.26 -41.31
N CYS A 141 7.39 -9.91 -41.64
CA CYS A 141 6.27 -10.24 -40.77
C CYS A 141 5.96 -11.73 -40.80
N ALA A 142 6.16 -12.38 -41.95
CA ALA A 142 5.96 -13.83 -42.02
C ALA A 142 6.99 -14.58 -41.20
N ALA A 143 8.22 -14.04 -41.11
CA ALA A 143 9.24 -14.65 -40.27
C ALA A 143 8.88 -14.59 -38.80
N LEU A 144 8.02 -13.65 -38.40
CA LEU A 144 7.56 -13.58 -37.01
C LEU A 144 6.74 -14.78 -36.61
N LEU A 145 6.17 -15.51 -37.57
CA LEU A 145 5.39 -16.69 -37.25
C LEU A 145 6.26 -17.78 -36.63
N CYS A 146 7.54 -17.85 -37.00
CA CYS A 146 8.48 -18.79 -36.43
C CYS A 146 9.46 -18.14 -35.46
N ARG A 147 9.11 -16.97 -34.92
CA ARG A 147 9.94 -16.28 -33.92
C ARG A 147 11.31 -15.91 -34.49
N PHE A 148 11.32 -15.41 -35.72
CA PHE A 148 12.54 -14.98 -36.39
C PHE A 148 12.57 -13.46 -36.49
N PHE A 149 13.69 -12.87 -36.09
CA PHE A 149 13.88 -11.43 -36.15
C PHE A 149 15.08 -11.11 -37.02
N ARG A 150 15.12 -9.88 -37.54
CA ARG A 150 16.15 -9.47 -38.48
C ARG A 150 17.25 -8.68 -37.78
N MET A 151 18.49 -8.93 -38.18
CA MET A 151 19.64 -8.19 -37.69
C MET A 151 20.54 -7.89 -38.88
N PRO A 152 20.29 -6.79 -39.58
CA PRO A 152 20.99 -6.52 -40.85
C PRO A 152 22.38 -5.95 -40.61
N ARG A 153 23.07 -5.70 -41.73
CA ARG A 153 24.42 -5.13 -41.68
C ARG A 153 24.34 -3.64 -41.38
N ARG A 154 25.35 -3.15 -40.66
CA ARG A 154 25.41 -1.76 -40.24
C ARG A 154 26.59 -1.06 -40.89
N VAL A 155 26.38 0.21 -41.23
CA VAL A 155 27.40 1.05 -41.88
C VAL A 155 27.91 0.39 -43.16
N MET B 1 -41.34 -14.87 -9.59
CA MET B 1 -41.12 -16.26 -9.22
C MET B 1 -40.05 -16.40 -8.15
N SER B 2 -39.56 -17.62 -7.97
CA SER B 2 -38.55 -17.92 -6.97
C SER B 2 -37.17 -17.83 -7.60
N GLU B 3 -36.28 -17.03 -6.99
CA GLU B 3 -34.92 -16.84 -7.47
C GLU B 3 -33.96 -17.43 -6.42
N VAL B 4 -33.50 -18.65 -6.70
CA VAL B 4 -32.62 -19.33 -5.76
C VAL B 4 -31.29 -18.61 -5.67
N GLU B 5 -30.64 -18.73 -4.52
CA GLU B 5 -29.31 -18.16 -4.35
C GLU B 5 -28.29 -18.93 -5.19
N PHE B 6 -27.27 -18.20 -5.64
CA PHE B 6 -26.18 -18.76 -6.44
C PHE B 6 -26.68 -19.36 -7.76
N SER B 7 -27.80 -18.85 -8.27
CA SER B 7 -28.43 -19.36 -9.47
C SER B 7 -28.21 -18.38 -10.62
N HIS B 8 -28.58 -18.82 -11.83
CA HIS B 8 -28.43 -17.96 -12.99
C HIS B 8 -29.25 -16.67 -12.84
N GLU B 9 -30.51 -16.79 -12.38
CA GLU B 9 -31.31 -15.61 -12.16
C GLU B 9 -30.76 -14.77 -11.01
N TYR B 10 -30.11 -15.42 -10.04
CA TYR B 10 -29.50 -14.69 -8.93
C TYR B 10 -28.36 -13.80 -9.41
N TRP B 11 -27.47 -14.36 -10.24
CA TRP B 11 -26.34 -13.58 -10.74
C TRP B 11 -26.79 -12.57 -11.79
N MET B 12 -27.86 -12.87 -12.54
CA MET B 12 -28.37 -11.91 -13.52
C MET B 12 -28.89 -10.67 -12.83
N ARG B 13 -29.54 -10.83 -11.68
CA ARG B 13 -30.00 -9.68 -10.90
C ARG B 13 -28.83 -8.85 -10.41
N HIS B 14 -27.70 -9.50 -10.08
CA HIS B 14 -26.51 -8.76 -9.67
C HIS B 14 -25.96 -7.93 -10.83
N ALA B 15 -25.99 -8.47 -12.05
CA ALA B 15 -25.54 -7.72 -13.21
C ALA B 15 -26.49 -6.57 -13.53
N LEU B 16 -27.79 -6.77 -13.29
CA LEU B 16 -28.76 -5.71 -13.55
C LEU B 16 -28.53 -4.51 -12.63
N THR B 17 -28.15 -4.76 -11.37
CA THR B 17 -27.84 -3.67 -10.46
C THR B 17 -26.62 -2.89 -10.93
N LEU B 18 -25.60 -3.61 -11.42
CA LEU B 18 -24.39 -2.95 -11.90
C LEU B 18 -24.66 -2.08 -13.12
N ALA B 19 -25.70 -2.39 -13.89
CA ALA B 19 -26.01 -1.63 -15.09
C ALA B 19 -26.41 -0.19 -14.78
N LYS B 20 -26.84 0.09 -13.55
CA LYS B 20 -27.22 1.46 -13.20
C LYS B 20 -26.02 2.40 -13.25
N ARG B 21 -24.82 1.88 -13.04
CA ARG B 21 -23.62 2.70 -13.05
C ARG B 21 -23.16 3.09 -14.44
N ALA B 22 -23.82 2.60 -15.49
CA ALA B 22 -23.49 2.94 -16.87
C ALA B 22 -24.61 3.73 -17.55
N ARG B 23 -25.41 4.45 -16.76
CA ARG B 23 -26.55 5.17 -17.33
C ARG B 23 -26.10 6.38 -18.16
N ASP B 24 -24.96 6.98 -17.80
CA ASP B 24 -24.46 8.18 -18.48
C ASP B 24 -23.50 7.86 -19.62
N GLU B 25 -23.68 6.71 -20.28
CA GLU B 25 -22.83 6.30 -21.39
C GLU B 25 -23.68 6.20 -22.65
N ARG B 26 -23.07 6.51 -23.79
CA ARG B 26 -23.79 6.48 -25.06
C ARG B 26 -24.12 5.03 -25.41
N GLY B 27 -25.39 4.68 -25.27
CA GLY B 27 -25.89 3.36 -25.58
C GLY B 27 -26.68 2.78 -24.42
N VAL B 28 -27.13 1.55 -24.61
CA VAL B 28 -27.90 0.85 -23.58
C VAL B 28 -26.98 0.48 -22.42
N PRO B 29 -27.41 0.66 -21.17
CA PRO B 29 -26.57 0.27 -20.04
C PRO B 29 -26.44 -1.25 -19.95
N VAL B 30 -25.20 -1.72 -19.88
CA VAL B 30 -24.88 -3.14 -19.78
C VAL B 30 -24.13 -3.39 -18.49
N GLY B 31 -24.52 -4.44 -17.78
CA GLY B 31 -23.82 -4.84 -16.57
C GLY B 31 -23.39 -6.30 -16.65
N ALA B 32 -22.18 -6.56 -16.18
CA ALA B 32 -21.61 -7.90 -16.26
C ALA B 32 -20.97 -8.27 -14.94
N VAL B 33 -21.03 -9.56 -14.61
CA VAL B 33 -20.40 -10.10 -13.41
C VAL B 33 -19.80 -11.46 -13.76
N LEU B 34 -18.56 -11.70 -13.33
CA LEU B 34 -17.86 -12.95 -13.59
C LEU B 34 -17.86 -13.78 -12.31
N VAL B 35 -18.36 -15.01 -12.40
CA VAL B 35 -18.56 -15.88 -11.25
C VAL B 35 -17.76 -17.16 -11.45
N LEU B 36 -17.00 -17.56 -10.43
CA LEU B 36 -16.28 -18.82 -10.42
C LEU B 36 -16.53 -19.50 -9.08
N ASN B 37 -17.17 -20.67 -9.13
CA ASN B 37 -17.52 -21.44 -7.93
C ASN B 37 -18.39 -20.60 -6.99
N ASN B 38 -19.43 -19.99 -7.57
CA ASN B 38 -20.41 -19.19 -6.82
C ASN B 38 -19.75 -18.06 -6.04
N ARG B 39 -18.68 -17.49 -6.58
CA ARG B 39 -17.98 -16.37 -5.96
C ARG B 39 -17.69 -15.32 -7.02
N VAL B 40 -17.87 -14.06 -6.65
CA VAL B 40 -17.65 -12.95 -7.57
C VAL B 40 -16.14 -12.72 -7.71
N ILE B 41 -15.62 -12.87 -8.92
CA ILE B 41 -14.24 -12.56 -9.21
C ILE B 41 -14.08 -11.39 -10.16
N GLY B 42 -15.16 -10.92 -10.78
CA GLY B 42 -15.08 -9.79 -11.68
C GLY B 42 -16.42 -9.09 -11.87
N GLU B 43 -16.40 -7.76 -11.90
CA GLU B 43 -17.60 -6.96 -12.12
C GLU B 43 -17.30 -5.88 -13.14
N GLY B 44 -18.32 -5.46 -13.87
CA GLY B 44 -18.12 -4.43 -14.87
C GLY B 44 -19.37 -3.84 -15.48
N TRP B 45 -19.26 -2.59 -15.93
CA TRP B 45 -20.30 -1.90 -16.67
C TRP B 45 -19.65 -1.06 -17.75
N ASN B 46 -20.47 -0.49 -18.63
CA ASN B 46 -19.97 0.32 -19.73
C ASN B 46 -19.32 1.60 -19.20
N ARG B 47 -18.04 1.79 -19.53
CA ARG B 47 -17.30 2.99 -19.13
C ARG B 47 -16.34 3.40 -20.24
N ALA B 48 -16.81 3.34 -21.49
CA ALA B 48 -15.96 3.69 -22.63
C ALA B 48 -15.61 5.17 -22.61
N ASN B 49 -16.62 6.03 -22.47
CA ASN B 49 -16.36 7.48 -22.46
C ASN B 49 -15.74 7.91 -21.14
N GLY B 50 -16.15 7.31 -20.02
CA GLY B 50 -15.64 7.74 -18.74
C GLY B 50 -14.18 7.40 -18.50
N LEU B 51 -13.68 6.38 -19.17
CA LEU B 51 -12.30 5.93 -18.99
C LEU B 51 -11.42 6.15 -20.21
N HIS B 52 -11.98 6.69 -21.30
CA HIS B 52 -11.24 6.88 -22.56
C HIS B 52 -10.66 5.57 -23.06
N ASP B 53 -11.42 4.49 -22.92
CA ASP B 53 -10.98 3.15 -23.30
C ASP B 53 -11.99 2.58 -24.29
N PRO B 54 -11.63 2.35 -25.54
CA PRO B 54 -12.58 1.77 -26.50
C PRO B 54 -12.97 0.34 -26.17
N THR B 55 -12.29 -0.30 -25.23
CA THR B 55 -12.59 -1.67 -24.83
C THR B 55 -13.29 -1.73 -23.47
N ALA B 56 -13.67 -0.58 -22.90
CA ALA B 56 -14.23 -0.54 -21.56
C ALA B 56 -15.71 -0.95 -21.55
N HIS B 57 -15.97 -2.16 -22.04
CA HIS B 57 -17.29 -2.76 -21.98
C HIS B 57 -17.46 -3.55 -20.68
N ALA B 58 -18.73 -3.88 -20.36
CA ALA B 58 -19.07 -4.53 -19.10
C ALA B 58 -18.44 -5.91 -18.97
N GLU B 59 -18.66 -6.75 -19.98
CA GLU B 59 -18.06 -8.07 -20.00
C GLU B 59 -16.54 -7.92 -19.98
N ILE B 60 -15.94 -6.92 -20.62
CA ILE B 60 -14.44 -6.91 -20.66
C ILE B 60 -13.88 -6.60 -19.27
N MET B 61 -14.50 -5.71 -18.53
CA MET B 61 -14.06 -5.40 -17.16
C MET B 61 -14.17 -6.60 -16.23
N ALA B 62 -15.19 -7.43 -16.41
CA ALA B 62 -15.30 -8.64 -15.60
C ALA B 62 -14.16 -9.59 -15.93
N LEU B 63 -13.83 -9.69 -17.22
CA LEU B 63 -12.69 -10.52 -17.62
C LEU B 63 -11.38 -9.89 -17.18
N ARG B 64 -11.28 -8.56 -17.25
CA ARG B 64 -10.06 -7.89 -16.79
C ARG B 64 -9.93 -7.96 -15.28
N GLN B 65 -11.03 -7.73 -14.54
CA GLN B 65 -10.99 -7.90 -13.10
C GLN B 65 -10.83 -9.37 -12.72
N GLY B 66 -11.43 -10.27 -13.50
CA GLY B 66 -11.27 -11.69 -13.23
C GLY B 66 -9.83 -12.16 -13.41
N GLY B 67 -9.16 -11.66 -14.45
CA GLY B 67 -7.77 -12.01 -14.66
C GLY B 67 -6.86 -11.48 -13.57
N LEU B 68 -7.21 -10.35 -12.97
CA LEU B 68 -6.39 -9.79 -11.90
C LEU B 68 -6.50 -10.64 -10.62
N VAL B 69 -7.72 -11.04 -10.26
CA VAL B 69 -7.90 -11.83 -9.05
C VAL B 69 -7.38 -13.25 -9.26
N MET B 70 -7.59 -13.82 -10.44
CA MET B 70 -7.16 -15.18 -10.73
C MET B 70 -5.68 -15.27 -11.07
N GLN B 71 -5.00 -14.13 -11.23
CA GLN B 71 -3.58 -14.10 -11.59
C GLN B 71 -3.30 -14.94 -12.82
N ASN B 72 -4.22 -14.88 -13.79
CA ASN B 72 -4.10 -15.68 -15.00
C ASN B 72 -5.04 -15.10 -16.05
N TYR B 73 -4.52 -14.85 -17.24
CA TYR B 73 -5.38 -14.34 -18.31
C TYR B 73 -6.33 -15.40 -18.83
N ARG B 74 -6.17 -16.65 -18.40
CA ARG B 74 -7.07 -17.74 -18.76
C ARG B 74 -7.97 -18.03 -17.55
N LEU B 75 -9.28 -17.84 -17.74
CA LEU B 75 -10.25 -18.00 -16.67
C LEU B 75 -11.11 -19.24 -16.94
N TYR B 76 -10.50 -20.41 -16.75
CA TYR B 76 -11.19 -21.66 -17.00
C TYR B 76 -12.35 -21.85 -16.03
N ASP B 77 -13.41 -22.48 -16.51
CA ASP B 77 -14.58 -22.88 -15.71
C ASP B 77 -15.29 -21.69 -15.08
N ALA B 78 -15.06 -20.48 -15.58
CA ALA B 78 -15.73 -19.29 -15.08
C ALA B 78 -16.98 -19.02 -15.90
N THR B 79 -17.98 -18.42 -15.25
CA THR B 79 -19.25 -18.09 -15.88
C THR B 79 -19.41 -16.58 -15.89
N LEU B 80 -19.71 -16.02 -17.07
CA LEU B 80 -19.84 -14.58 -17.26
C LEU B 80 -21.30 -14.24 -17.48
N TYR B 81 -21.89 -13.53 -16.53
CA TYR B 81 -23.28 -13.08 -16.61
C TYR B 81 -23.30 -11.64 -17.10
N SER B 82 -23.97 -11.40 -18.22
CA SER B 82 -24.09 -10.07 -18.79
C SER B 82 -25.57 -9.77 -19.05
N THR B 83 -25.95 -8.50 -18.90
CA THR B 83 -27.32 -8.10 -19.17
C THR B 83 -27.60 -7.96 -20.66
N PHE B 84 -26.57 -8.04 -21.50
CA PHE B 84 -26.72 -7.83 -22.93
C PHE B 84 -25.88 -8.86 -23.69
N GLU B 85 -26.30 -9.15 -24.91
CA GLU B 85 -25.52 -10.02 -25.77
C GLU B 85 -24.18 -9.34 -26.09
N PRO B 86 -23.07 -10.07 -26.03
CA PRO B 86 -21.77 -9.43 -26.26
C PRO B 86 -21.56 -9.04 -27.70
N CYS B 87 -20.74 -8.02 -27.90
CA CYS B 87 -20.38 -7.55 -29.23
C CYS B 87 -19.23 -8.39 -29.79
N VAL B 88 -18.74 -8.01 -30.97
CA VAL B 88 -17.66 -8.76 -31.61
C VAL B 88 -16.38 -8.66 -30.80
N MET B 89 -16.15 -7.53 -30.13
CA MET B 89 -14.95 -7.36 -29.33
C MET B 89 -15.05 -8.15 -28.03
N CYS B 90 -16.19 -8.08 -27.36
CA CYS B 90 -16.37 -8.80 -26.11
C CYS B 90 -16.42 -10.31 -26.33
N ALA B 91 -17.11 -10.76 -27.37
CA ALA B 91 -17.20 -12.18 -27.65
C ALA B 91 -15.83 -12.77 -27.96
N GLY B 92 -14.97 -12.00 -28.63
CA GLY B 92 -13.61 -12.46 -28.86
C GLY B 92 -12.80 -12.59 -27.59
N ALA B 93 -13.07 -11.73 -26.61
CA ALA B 93 -12.37 -11.83 -25.32
C ALA B 93 -12.79 -13.06 -24.55
N MET B 94 -14.05 -13.50 -24.69
CA MET B 94 -14.50 -14.69 -23.97
C MET B 94 -13.85 -15.95 -24.51
N ILE B 95 -13.54 -16.00 -25.81
CA ILE B 95 -12.84 -17.17 -26.35
C ILE B 95 -11.44 -17.23 -25.78
N HIS B 96 -10.76 -16.09 -25.68
CA HIS B 96 -9.43 -16.03 -25.12
C HIS B 96 -9.41 -16.26 -23.61
N SER B 97 -10.53 -15.96 -22.94
CA SER B 97 -10.62 -16.21 -21.51
C SER B 97 -10.83 -17.68 -21.17
N ARG B 98 -11.26 -18.50 -22.15
CA ARG B 98 -11.53 -19.91 -21.93
C ARG B 98 -12.56 -20.12 -20.83
N ILE B 99 -13.50 -19.18 -20.70
CA ILE B 99 -14.57 -19.32 -19.73
C ILE B 99 -15.50 -20.46 -20.17
N GLY B 100 -16.19 -21.03 -19.18
CA GLY B 100 -17.03 -22.18 -19.47
C GLY B 100 -18.36 -21.80 -20.08
N ARG B 101 -18.93 -20.66 -19.69
CA ARG B 101 -20.27 -20.31 -20.11
C ARG B 101 -20.45 -18.81 -20.05
N VAL B 102 -21.23 -18.28 -20.99
CA VAL B 102 -21.69 -16.89 -20.95
C VAL B 102 -23.20 -16.91 -20.86
N VAL B 103 -23.75 -16.05 -19.99
CA VAL B 103 -25.18 -15.97 -19.76
C VAL B 103 -25.59 -14.51 -19.98
N PHE B 104 -26.25 -14.24 -21.10
CA PHE B 104 -26.77 -12.92 -21.38
C PHE B 104 -28.30 -12.97 -21.45
N GLY B 105 -28.93 -11.84 -21.11
CA GLY B 105 -30.38 -11.80 -21.01
C GLY B 105 -31.11 -11.60 -22.32
N VAL B 106 -30.81 -10.52 -23.02
CA VAL B 106 -31.52 -10.14 -24.23
C VAL B 106 -30.49 -9.98 -25.36
N ARG B 107 -30.95 -10.19 -26.59
CA ARG B 107 -30.06 -10.13 -27.74
C ARG B 107 -29.79 -8.68 -28.14
N ASN B 108 -28.65 -8.48 -28.79
CA ASN B 108 -28.21 -7.16 -29.26
C ASN B 108 -28.35 -7.10 -30.78
N ALA B 109 -29.52 -6.67 -31.24
CA ALA B 109 -29.81 -6.64 -32.68
C ALA B 109 -29.05 -5.55 -33.42
N LYS B 110 -28.04 -4.94 -32.80
CA LYS B 110 -27.24 -3.90 -33.44
C LYS B 110 -25.78 -4.27 -33.53
N THR B 111 -25.17 -4.73 -32.44
CA THR B 111 -23.75 -5.10 -32.44
C THR B 111 -23.50 -6.47 -31.83
N GLY B 112 -24.54 -7.26 -31.55
CA GLY B 112 -24.35 -8.52 -30.87
C GLY B 112 -23.68 -9.56 -31.76
N ALA B 113 -22.72 -10.28 -31.18
CA ALA B 113 -21.96 -11.30 -31.89
C ALA B 113 -22.21 -12.69 -31.31
N ALA B 114 -23.40 -12.94 -30.79
CA ALA B 114 -23.76 -14.24 -30.23
C ALA B 114 -25.06 -14.76 -30.83
N GLY B 115 -25.35 -14.40 -32.08
CA GLY B 115 -26.55 -14.85 -32.74
C GLY B 115 -27.25 -13.75 -33.52
N SER B 116 -27.03 -12.51 -33.11
CA SER B 116 -27.68 -11.36 -33.74
C SER B 116 -26.97 -11.00 -35.05
N LEU B 117 -25.81 -10.34 -34.95
CA LEU B 117 -25.04 -10.03 -36.15
C LEU B 117 -24.20 -11.21 -36.61
N MET B 118 -23.75 -12.07 -35.70
CA MET B 118 -23.01 -13.28 -36.05
C MET B 118 -22.97 -14.18 -34.82
N ASP B 119 -22.30 -15.33 -34.99
CA ASP B 119 -22.08 -16.29 -33.90
C ASP B 119 -20.61 -16.67 -33.97
N VAL B 120 -19.76 -15.91 -33.29
CA VAL B 120 -18.33 -16.20 -33.25
C VAL B 120 -17.99 -17.22 -32.17
N LEU B 121 -18.76 -17.27 -31.09
CA LEU B 121 -18.44 -18.16 -29.98
C LEU B 121 -18.57 -19.63 -30.36
N HIS B 122 -19.43 -19.96 -31.30
CA HIS B 122 -19.61 -21.34 -31.73
C HIS B 122 -19.06 -21.59 -33.12
N HIS B 123 -18.13 -20.75 -33.58
CA HIS B 123 -17.50 -20.97 -34.87
C HIS B 123 -16.58 -22.19 -34.77
N PRO B 124 -16.59 -23.08 -35.78
CA PRO B 124 -15.79 -24.31 -35.68
C PRO B 124 -14.29 -24.07 -35.69
N GLY B 125 -13.83 -22.92 -36.17
CA GLY B 125 -12.41 -22.64 -36.22
C GLY B 125 -11.79 -22.10 -34.95
N MET B 126 -12.54 -22.07 -33.86
CA MET B 126 -12.03 -21.55 -32.60
C MET B 126 -11.33 -22.65 -31.81
N ASN B 127 -10.39 -22.24 -30.96
CA ASN B 127 -9.67 -23.18 -30.12
C ASN B 127 -10.42 -23.50 -28.83
N HIS B 128 -11.48 -22.76 -28.52
CA HIS B 128 -12.27 -22.99 -27.32
C HIS B 128 -13.74 -22.77 -27.65
N ARG B 129 -14.60 -23.54 -27.00
CA ARG B 129 -16.04 -23.40 -27.14
C ARG B 129 -16.64 -22.94 -25.81
N VAL B 130 -17.30 -21.79 -25.83
CA VAL B 130 -17.96 -21.23 -24.67
C VAL B 130 -19.44 -21.55 -24.77
N GLU B 131 -19.99 -22.19 -23.74
CA GLU B 131 -21.40 -22.52 -23.75
C GLU B 131 -22.23 -21.25 -23.63
N ILE B 132 -23.38 -21.24 -24.29
CA ILE B 132 -24.23 -20.06 -24.39
C ILE B 132 -25.55 -20.36 -23.69
N THR B 133 -25.96 -19.46 -22.80
CA THR B 133 -27.26 -19.52 -22.16
C THR B 133 -27.85 -18.13 -22.23
N GLU B 134 -28.96 -17.99 -22.95
CA GLU B 134 -29.58 -16.70 -23.15
C GLU B 134 -31.02 -16.74 -22.64
N GLY B 135 -31.58 -15.56 -22.39
CA GLY B 135 -32.95 -15.44 -21.94
C GLY B 135 -33.14 -15.33 -20.44
N ILE B 136 -32.06 -15.35 -19.67
CA ILE B 136 -32.17 -15.29 -18.22
C ILE B 136 -32.57 -13.87 -17.80
N LEU B 137 -33.72 -13.75 -17.15
CA LEU B 137 -34.30 -12.46 -16.77
C LEU B 137 -34.44 -11.56 -18.00
N ALA B 138 -35.01 -12.12 -19.06
CA ALA B 138 -35.11 -11.41 -20.33
C ALA B 138 -36.01 -10.18 -20.21
N ASP B 139 -37.09 -10.29 -19.43
CA ASP B 139 -38.01 -9.16 -19.29
C ASP B 139 -37.33 -7.99 -18.60
N GLU B 140 -36.61 -8.25 -17.50
N GLU B 140 -36.62 -8.25 -17.50
CA GLU B 140 -35.90 -7.19 -16.81
CA GLU B 140 -35.89 -7.19 -16.81
C GLU B 140 -34.71 -6.69 -17.61
C GLU B 140 -34.72 -6.67 -17.63
N CYS B 141 -34.15 -7.53 -18.49
CA CYS B 141 -33.02 -7.12 -19.31
C CYS B 141 -33.45 -6.42 -20.59
N ALA B 142 -34.60 -6.79 -21.16
CA ALA B 142 -35.09 -6.08 -22.34
C ALA B 142 -35.50 -4.66 -22.00
N ALA B 143 -36.01 -4.44 -20.78
CA ALA B 143 -36.32 -3.09 -20.34
C ALA B 143 -35.08 -2.22 -20.20
N LEU B 144 -33.92 -2.83 -20.01
CA LEU B 144 -32.67 -2.07 -19.95
C LEU B 144 -32.33 -1.42 -21.28
N LEU B 145 -32.85 -1.95 -22.39
CA LEU B 145 -32.60 -1.35 -23.70
C LEU B 145 -33.22 0.04 -23.80
N CYS B 146 -34.34 0.27 -23.11
CA CYS B 146 -35.00 1.57 -23.07
C CYS B 146 -34.75 2.31 -21.75
N ARG B 147 -33.69 1.93 -21.03
CA ARG B 147 -33.31 2.60 -19.77
C ARG B 147 -34.40 2.48 -18.72
N PHE B 148 -35.01 1.30 -18.62
CA PHE B 148 -36.06 1.02 -17.66
C PHE B 148 -35.54 0.08 -16.58
N PHE B 149 -35.78 0.45 -15.32
CA PHE B 149 -35.40 -0.35 -14.17
C PHE B 149 -36.63 -0.69 -13.34
N ARG B 150 -36.65 -1.89 -12.78
CA ARG B 150 -37.78 -2.32 -11.98
C ARG B 150 -37.65 -1.81 -10.55
N MET B 151 -38.79 -1.48 -9.95
CA MET B 151 -38.82 -1.00 -8.57
C MET B 151 -39.65 -1.91 -7.68
N PHE C 6 13.79 -29.50 4.77
CA PHE C 6 14.51 -28.62 3.86
C PHE C 6 15.12 -27.46 4.62
N SER C 7 16.10 -26.80 4.00
CA SER C 7 16.85 -25.73 4.64
C SER C 7 16.47 -24.38 4.05
N HIS C 8 16.94 -23.32 4.72
CA HIS C 8 16.72 -21.97 4.23
C HIS C 8 17.40 -21.74 2.88
N GLU C 9 18.64 -22.22 2.75
CA GLU C 9 19.38 -22.05 1.50
C GLU C 9 18.73 -22.83 0.35
N TYR C 10 18.05 -23.94 0.64
CA TYR C 10 17.37 -24.70 -0.40
C TYR C 10 16.27 -23.86 -1.03
N TRP C 11 15.43 -23.23 -0.20
CA TRP C 11 14.37 -22.39 -0.73
C TRP C 11 14.91 -21.08 -1.30
N MET C 12 16.05 -20.61 -0.78
CA MET C 12 16.66 -19.39 -1.30
C MET C 12 17.11 -19.57 -2.74
N ARG C 13 17.62 -20.75 -3.07
CA ARG C 13 17.99 -21.03 -4.46
C ARG C 13 16.78 -21.00 -5.37
N HIS C 14 15.62 -21.43 -4.86
CA HIS C 14 14.39 -21.32 -5.64
C HIS C 14 14.00 -19.87 -5.85
N ALA C 15 14.19 -19.03 -4.84
CA ALA C 15 13.91 -17.61 -4.98
C ALA C 15 14.91 -16.92 -5.90
N LEU C 16 16.18 -17.35 -5.88
CA LEU C 16 17.18 -16.76 -6.76
C LEU C 16 16.87 -17.06 -8.22
N THR C 17 16.39 -18.27 -8.51
CA THR C 17 16.03 -18.62 -9.88
C THR C 17 14.83 -17.81 -10.35
N LEU C 18 13.85 -17.60 -9.48
CA LEU C 18 12.66 -16.84 -9.85
C LEU C 18 13.00 -15.39 -10.17
N ALA C 19 14.07 -14.86 -9.59
CA ALA C 19 14.47 -13.48 -9.87
C ALA C 19 14.89 -13.29 -11.32
N LYS C 20 15.31 -14.37 -12.00
CA LYS C 20 15.68 -14.26 -13.41
C LYS C 20 14.48 -13.92 -14.28
N ARG C 21 13.27 -14.29 -13.85
N ARG C 21 13.27 -14.29 -13.85
CA ARG C 21 12.07 -13.95 -14.61
CA ARG C 21 12.07 -13.96 -14.59
C ARG C 21 11.80 -12.45 -14.60
C ARG C 21 11.79 -12.46 -14.60
N ALA C 22 12.34 -11.72 -13.64
CA ALA C 22 12.14 -10.28 -13.53
C ALA C 22 13.37 -9.50 -13.97
N ARG C 23 14.20 -10.08 -14.85
CA ARG C 23 15.42 -9.41 -15.28
C ARG C 23 15.11 -8.22 -16.17
N ASP C 24 14.01 -8.28 -16.93
CA ASP C 24 13.60 -7.21 -17.83
C ASP C 24 12.62 -6.24 -17.20
N GLU C 25 12.70 -6.04 -15.89
CA GLU C 25 11.81 -5.14 -15.17
C GLU C 25 12.61 -4.00 -14.55
N ARG C 26 11.98 -2.83 -14.49
CA ARG C 26 12.63 -1.64 -13.94
C ARG C 26 12.84 -1.80 -12.44
N GLY C 27 14.10 -1.98 -12.03
CA GLY C 27 14.46 -2.10 -10.64
C GLY C 27 15.30 -3.35 -10.40
N VAL C 28 15.63 -3.55 -9.13
CA VAL C 28 16.42 -4.73 -8.75
C VAL C 28 15.56 -5.98 -8.92
N PRO C 29 16.09 -7.05 -9.53
CA PRO C 29 15.30 -8.28 -9.65
C PRO C 29 15.11 -8.95 -8.29
N VAL C 30 13.86 -9.20 -7.95
CA VAL C 30 13.49 -9.83 -6.68
C VAL C 30 12.73 -11.11 -6.98
N GLY C 31 13.07 -12.17 -6.27
CA GLY C 31 12.35 -13.44 -6.38
C GLY C 31 11.86 -13.89 -5.01
N ALA C 32 10.63 -14.40 -4.99
CA ALA C 32 10.00 -14.81 -3.75
C ALA C 32 9.33 -16.16 -3.93
N VAL C 33 9.32 -16.96 -2.86
CA VAL C 33 8.66 -18.25 -2.84
C VAL C 33 8.00 -18.44 -1.48
N LEU C 34 6.76 -18.90 -1.48
CA LEU C 34 5.99 -19.12 -0.26
C LEU C 34 5.94 -20.62 0.03
N VAL C 35 6.36 -21.00 1.23
CA VAL C 35 6.49 -22.41 1.59
C VAL C 35 5.62 -22.68 2.82
N LEU C 36 4.82 -23.73 2.75
CA LEU C 36 4.00 -24.20 3.86
C LEU C 36 4.17 -25.72 3.96
N ASN C 37 4.70 -26.19 5.09
CA ASN C 37 4.95 -27.61 5.32
C ASN C 37 5.87 -28.19 4.23
N ASN C 38 6.98 -27.49 3.98
CA ASN C 38 7.99 -27.92 3.02
C ASN C 38 7.41 -28.13 1.61
N ARG C 39 6.40 -27.33 1.26
CA ARG C 39 5.78 -27.41 -0.06
C ARG C 39 5.58 -26.01 -0.61
N VAL C 40 5.82 -25.85 -1.92
CA VAL C 40 5.68 -24.56 -2.57
C VAL C 40 4.19 -24.28 -2.79
N ILE C 41 3.71 -23.19 -2.18
CA ILE C 41 2.33 -22.75 -2.40
C ILE C 41 2.25 -21.40 -3.10
N GLY C 42 3.37 -20.70 -3.26
CA GLY C 42 3.35 -19.42 -3.92
C GLY C 42 4.70 -19.00 -4.49
N GLU C 43 4.68 -18.42 -5.69
CA GLU C 43 5.88 -17.93 -6.36
C GLU C 43 5.62 -16.53 -6.89
N GLY C 44 6.69 -15.73 -7.00
CA GLY C 44 6.54 -14.37 -7.49
C GLY C 44 7.84 -13.66 -7.79
N TRP C 45 7.78 -12.68 -8.70
CA TRP C 45 8.90 -11.83 -9.02
C TRP C 45 8.40 -10.41 -9.22
N ASN C 46 9.34 -9.47 -9.33
CA ASN C 46 8.98 -8.07 -9.51
C ASN C 46 8.36 -7.86 -10.90
N ARG C 47 7.11 -7.40 -10.93
CA ARG C 47 6.42 -7.15 -12.19
C ARG C 47 5.48 -5.97 -12.05
N ALA C 48 5.93 -4.89 -11.40
CA ALA C 48 5.09 -3.72 -11.23
C ALA C 48 4.76 -3.08 -12.57
N ASN C 49 5.78 -2.85 -13.40
CA ASN C 49 5.55 -2.27 -14.72
C ASN C 49 4.90 -3.28 -15.65
N GLY C 50 5.27 -4.56 -15.52
CA GLY C 50 4.72 -5.58 -16.40
C GLY C 50 3.26 -5.87 -16.15
N LEU C 51 2.75 -5.59 -14.96
CA LEU C 51 1.37 -5.88 -14.61
C LEU C 51 0.51 -4.63 -14.43
N HIS C 52 1.09 -3.44 -14.58
CA HIS C 52 0.36 -2.19 -14.31
C HIS C 52 -0.23 -2.21 -12.90
N ASP C 53 0.52 -2.81 -11.98
CA ASP C 53 0.08 -3.01 -10.61
C ASP C 53 1.11 -2.42 -9.65
N PRO C 54 0.75 -1.37 -8.89
CA PRO C 54 1.71 -0.84 -7.92
C PRO C 54 2.03 -1.79 -6.79
N THR C 55 1.28 -2.89 -6.66
CA THR C 55 1.51 -3.89 -5.63
C THR C 55 2.15 -5.16 -6.17
N ALA C 56 2.53 -5.18 -7.45
CA ALA C 56 3.07 -6.39 -8.08
C ALA C 56 4.56 -6.57 -7.73
N HIS C 57 4.82 -6.64 -6.43
CA HIS C 57 6.16 -6.95 -5.94
C HIS C 57 6.32 -8.46 -5.83
N ALA C 58 7.57 -8.91 -5.73
CA ALA C 58 7.85 -10.34 -5.71
C ALA C 58 7.16 -11.02 -4.54
N GLU C 59 7.29 -10.45 -3.33
CA GLU C 59 6.69 -11.06 -2.16
C GLU C 59 5.17 -11.12 -2.25
N ILE C 60 4.55 -10.08 -2.82
CA ILE C 60 3.09 -10.04 -2.88
C ILE C 60 2.56 -11.08 -3.86
N MET C 61 3.19 -11.22 -5.03
CA MET C 61 2.73 -12.22 -5.99
C MET C 61 2.75 -13.61 -5.37
N ALA C 62 3.77 -13.90 -4.54
CA ALA C 62 3.81 -15.18 -3.84
C ALA C 62 2.70 -15.27 -2.79
N LEU C 63 2.47 -14.17 -2.07
CA LEU C 63 1.39 -14.15 -1.07
C LEU C 63 0.03 -14.21 -1.75
N ARG C 64 -0.13 -13.52 -2.88
N ARG C 64 -0.13 -13.53 -2.89
CA ARG C 64 -1.40 -13.56 -3.60
CA ARG C 64 -1.41 -13.56 -3.59
C ARG C 64 -1.66 -14.93 -4.18
C ARG C 64 -1.67 -14.93 -4.20
N GLN C 65 -0.62 -15.58 -4.72
CA GLN C 65 -0.79 -16.93 -5.26
C GLN C 65 -0.99 -17.95 -4.14
N GLY C 66 -0.33 -17.76 -3.00
CA GLY C 66 -0.52 -18.68 -1.89
C GLY C 66 -1.93 -18.68 -1.37
N GLY C 67 -2.55 -17.50 -1.26
CA GLY C 67 -3.94 -17.43 -0.86
C GLY C 67 -4.86 -18.09 -1.86
N LEU C 68 -4.48 -18.04 -3.15
CA LEU C 68 -5.26 -18.71 -4.18
C LEU C 68 -5.10 -20.22 -4.11
N VAL C 69 -3.88 -20.69 -3.86
CA VAL C 69 -3.63 -22.12 -3.80
C VAL C 69 -4.29 -22.74 -2.57
N MET C 70 -4.20 -22.07 -1.43
CA MET C 70 -4.80 -22.57 -0.20
C MET C 70 -6.29 -22.28 -0.09
N GLN C 71 -6.85 -21.51 -1.03
CA GLN C 71 -8.26 -21.12 -1.00
C GLN C 71 -8.63 -20.46 0.33
N ASN C 72 -7.72 -19.60 0.80
CA ASN C 72 -7.90 -18.90 2.07
C ASN C 72 -6.93 -17.72 2.09
N TYR C 73 -7.46 -16.53 2.37
CA TYR C 73 -6.60 -15.35 2.42
C TYR C 73 -5.68 -15.34 3.63
N ARG C 74 -5.85 -16.27 4.56
CA ARG C 74 -4.99 -16.38 5.73
C ARG C 74 -4.01 -17.53 5.52
N LEU C 75 -2.72 -17.21 5.49
CA LEU C 75 -1.66 -18.19 5.27
C LEU C 75 -0.85 -18.32 6.56
N TYR C 76 -1.46 -18.97 7.55
CA TYR C 76 -0.85 -19.08 8.87
C TYR C 76 0.44 -19.90 8.82
N ASP C 77 1.42 -19.48 9.61
CA ASP C 77 2.65 -20.24 9.88
C ASP C 77 3.44 -20.56 8.61
N ALA C 78 3.21 -19.84 7.52
CA ALA C 78 3.93 -20.05 6.28
C ALA C 78 5.19 -19.20 6.25
N THR C 79 6.19 -19.65 5.49
CA THR C 79 7.47 -18.97 5.40
C THR C 79 7.66 -18.42 4.00
N LEU C 80 7.87 -17.11 3.91
CA LEU C 80 8.07 -16.41 2.65
C LEU C 80 9.56 -16.12 2.49
N TYR C 81 10.20 -16.78 1.54
CA TYR C 81 11.59 -16.55 1.22
C TYR C 81 11.68 -15.50 0.12
N SER C 82 12.36 -14.39 0.40
CA SER C 82 12.55 -13.33 -0.57
C SER C 82 14.04 -13.03 -0.70
N THR C 83 14.45 -12.67 -1.91
CA THR C 83 15.85 -12.33 -2.16
C THR C 83 16.20 -10.92 -1.71
N PHE C 84 15.21 -10.12 -1.30
CA PHE C 84 15.43 -8.72 -0.95
C PHE C 84 14.64 -8.39 0.30
N GLU C 85 15.11 -7.39 1.03
CA GLU C 85 14.37 -6.92 2.20
C GLU C 85 13.04 -6.33 1.75
N PRO C 86 11.94 -6.68 2.42
CA PRO C 86 10.62 -6.20 1.99
C PRO C 86 10.40 -4.73 2.28
N CYS C 87 9.56 -4.11 1.45
CA CYS C 87 9.15 -2.73 1.64
C CYS C 87 7.97 -2.65 2.61
N VAL C 88 7.44 -1.44 2.80
CA VAL C 88 6.34 -1.24 3.74
C VAL C 88 5.07 -1.94 3.28
N MET C 89 4.84 -2.01 1.97
CA MET C 89 3.62 -2.64 1.48
C MET C 89 3.72 -4.16 1.60
N CYS C 90 4.87 -4.73 1.25
CA CYS C 90 5.02 -6.17 1.35
C CYS C 90 5.02 -6.64 2.81
N ALA C 91 5.70 -5.89 3.69
CA ALA C 91 5.72 -6.26 5.09
C ALA C 91 4.32 -6.19 5.69
N GLY C 92 3.50 -5.23 5.25
CA GLY C 92 2.13 -5.18 5.70
C GLY C 92 1.29 -6.33 5.18
N ALA C 93 1.61 -6.82 3.98
CA ALA C 93 0.87 -7.96 3.45
C ALA C 93 1.17 -9.24 4.21
N MET C 94 2.39 -9.40 4.73
CA MET C 94 2.71 -10.57 5.52
C MET C 94 2.04 -10.54 6.89
N ILE C 95 1.85 -9.35 7.46
CA ILE C 95 1.16 -9.26 8.75
C ILE C 95 -0.30 -9.65 8.59
N HIS C 96 -0.94 -9.17 7.52
CA HIS C 96 -2.34 -9.51 7.30
C HIS C 96 -2.51 -10.94 6.83
N SER C 97 -1.51 -11.51 6.15
CA SER C 97 -1.55 -12.91 5.79
C SER C 97 -1.20 -13.81 6.97
N ARG C 98 -0.63 -13.25 8.04
CA ARG C 98 -0.27 -13.98 9.25
C ARG C 98 0.72 -15.11 8.96
N ILE C 99 1.63 -14.87 8.02
CA ILE C 99 2.68 -15.86 7.76
C ILE C 99 3.60 -15.94 8.96
N GLY C 100 4.26 -17.10 9.10
CA GLY C 100 5.06 -17.35 10.27
C GLY C 100 6.43 -16.70 10.27
N ARG C 101 7.06 -16.61 9.10
CA ARG C 101 8.43 -16.15 9.02
C ARG C 101 8.72 -15.60 7.63
N VAL C 102 9.54 -14.56 7.58
CA VAL C 102 10.10 -14.05 6.33
C VAL C 102 11.62 -14.21 6.38
N VAL C 103 12.19 -14.70 5.28
CA VAL C 103 13.62 -14.94 5.19
C VAL C 103 14.14 -14.18 3.98
N PHE C 104 14.84 -13.07 4.21
CA PHE C 104 15.45 -12.29 3.15
C PHE C 104 16.96 -12.31 3.28
N GLY C 105 17.64 -12.18 2.15
CA GLY C 105 19.09 -12.30 2.13
C GLY C 105 19.84 -11.04 2.52
N VAL C 106 19.58 -9.94 1.79
CA VAL C 106 20.30 -8.68 1.97
C VAL C 106 19.29 -7.57 2.21
N ARG C 107 19.73 -6.54 2.91
CA ARG C 107 18.87 -5.43 3.28
C ARG C 107 18.63 -4.50 2.09
N ASN C 108 17.53 -3.77 2.16
CA ASN C 108 17.12 -2.80 1.14
C ASN C 108 17.32 -1.40 1.71
N ALA C 109 18.52 -0.86 1.51
CA ALA C 109 18.85 0.45 2.05
C ALA C 109 18.14 1.60 1.33
N LYS C 110 17.12 1.28 0.54
CA LYS C 110 16.35 2.28 -0.19
C LYS C 110 14.88 2.29 0.21
N THR C 111 14.21 1.13 0.23
CA THR C 111 12.81 1.05 0.60
C THR C 111 12.52 -0.06 1.62
N GLY C 112 13.54 -0.68 2.20
CA GLY C 112 13.31 -1.81 3.09
C GLY C 112 12.65 -1.40 4.39
N ALA C 113 11.67 -2.20 4.80
CA ALA C 113 10.90 -1.96 6.02
C ALA C 113 11.10 -3.07 7.05
N ALA C 114 12.28 -3.70 7.05
CA ALA C 114 12.59 -4.75 8.01
C ALA C 114 13.91 -4.46 8.72
N GLY C 115 14.25 -3.19 8.91
CA GLY C 115 15.47 -2.82 9.59
C GLY C 115 16.21 -1.68 8.93
N SER C 116 16.00 -1.50 7.63
CA SER C 116 16.69 -0.45 6.88
C SER C 116 16.01 0.89 7.12
N LEU C 117 14.86 1.11 6.49
CA LEU C 117 14.11 2.35 6.73
C LEU C 117 13.29 2.28 8.01
N MET C 118 12.82 1.11 8.38
CA MET C 118 12.09 0.91 9.64
C MET C 118 11.97 -0.59 9.91
N ASP C 119 11.28 -0.91 11.00
CA ASP C 119 10.96 -2.28 11.38
C ASP C 119 9.46 -2.30 11.74
N VAL C 120 8.61 -2.50 10.73
CA VAL C 120 7.17 -2.56 10.97
C VAL C 120 6.74 -3.96 11.43
N LEU C 121 7.44 -5.00 11.00
CA LEU C 121 7.02 -6.37 11.33
C LEU C 121 7.12 -6.67 12.81
N HIS C 122 8.03 -6.00 13.53
CA HIS C 122 8.20 -6.21 14.96
C HIS C 122 7.72 -5.02 15.79
N HIS C 123 6.80 -4.22 15.24
CA HIS C 123 6.22 -3.13 15.99
C HIS C 123 5.34 -3.69 17.10
N PRO C 124 5.42 -3.14 18.31
CA PRO C 124 4.66 -3.70 19.44
C PRO C 124 3.15 -3.55 19.29
N GLY C 125 2.68 -2.62 18.48
CA GLY C 125 1.25 -2.41 18.30
C GLY C 125 0.59 -3.31 17.29
N MET C 126 1.29 -4.32 16.77
CA MET C 126 0.74 -5.19 15.75
C MET C 126 -0.02 -6.35 16.38
N ASN C 127 -1.00 -6.87 15.63
CA ASN C 127 -1.76 -8.03 16.08
C ASN C 127 -1.07 -9.35 15.75
N HIS C 128 -0.03 -9.32 14.92
CA HIS C 128 0.71 -10.51 14.56
C HIS C 128 2.19 -10.14 14.45
N ARG C 129 3.06 -11.08 14.83
CA ARG C 129 4.50 -10.92 14.74
C ARG C 129 5.07 -11.91 13.73
N VAL C 130 5.74 -11.40 12.72
CA VAL C 130 6.38 -12.22 11.69
C VAL C 130 7.86 -12.31 12.04
N GLU C 131 8.36 -13.54 12.18
CA GLU C 131 9.78 -13.73 12.49
C GLU C 131 10.65 -13.36 11.31
N ILE C 132 11.83 -12.83 11.61
CA ILE C 132 12.76 -12.32 10.61
C ILE C 132 14.04 -13.14 10.66
N THR C 133 14.48 -13.61 9.49
CA THR C 133 15.76 -14.31 9.36
C THR C 133 16.48 -13.74 8.14
N GLU C 134 17.65 -13.15 8.37
CA GLU C 134 18.40 -12.51 7.31
C GLU C 134 19.78 -13.13 7.17
N GLY C 135 20.39 -12.90 6.00
CA GLY C 135 21.73 -13.38 5.72
C GLY C 135 21.81 -14.66 4.91
N ILE C 136 20.67 -15.24 4.55
CA ILE C 136 20.68 -16.50 3.79
C ILE C 136 21.08 -16.22 2.35
N LEU C 137 22.19 -16.82 1.93
CA LEU C 137 22.75 -16.59 0.59
C LEU C 137 22.97 -15.10 0.33
N ALA C 138 23.59 -14.44 1.31
CA ALA C 138 23.76 -12.99 1.25
C ALA C 138 24.65 -12.57 0.09
N ASP C 139 25.70 -13.35 -0.21
CA ASP C 139 26.62 -12.99 -1.27
C ASP C 139 25.93 -13.00 -2.63
N GLU C 140 25.03 -13.95 -2.86
CA GLU C 140 24.34 -14.04 -4.14
C GLU C 140 23.23 -13.00 -4.26
N CYS C 141 22.47 -12.78 -3.18
CA CYS C 141 21.40 -11.79 -3.22
C CYS C 141 21.95 -10.37 -3.29
N ALA C 142 23.11 -10.11 -2.68
CA ALA C 142 23.70 -8.78 -2.76
C ALA C 142 24.17 -8.46 -4.17
N ALA C 143 24.67 -9.46 -4.90
CA ALA C 143 25.04 -9.23 -6.29
C ALA C 143 23.82 -8.95 -7.15
N LEU C 144 22.64 -9.45 -6.74
CA LEU C 144 21.42 -9.16 -7.47
C LEU C 144 21.03 -7.69 -7.41
N LEU C 145 21.50 -6.96 -6.39
CA LEU C 145 21.21 -5.54 -6.29
C LEU C 145 21.84 -4.76 -7.45
N CYS C 146 22.97 -5.23 -7.96
CA CYS C 146 23.64 -4.64 -9.10
C CYS C 146 23.42 -5.43 -10.40
N ARG C 147 22.35 -6.24 -10.44
CA ARG C 147 21.99 -7.01 -11.64
C ARG C 147 23.09 -7.99 -12.01
N PHE C 148 23.67 -8.63 -10.99
CA PHE C 148 24.73 -9.62 -11.16
C PHE C 148 24.19 -11.00 -10.79
N PHE C 149 24.43 -11.98 -11.65
CA PHE C 149 24.05 -13.36 -11.41
C PHE C 149 25.29 -14.24 -11.42
N ARG C 150 25.17 -15.43 -10.84
N ARG C 150 25.17 -15.44 -10.85
CA ARG C 150 26.29 -16.37 -10.72
CA ARG C 150 26.29 -16.37 -10.72
C ARG C 150 26.14 -17.50 -11.73
C ARG C 150 26.14 -17.50 -11.72
N MET C 151 27.23 -17.82 -12.41
CA MET C 151 27.28 -18.96 -13.33
C MET C 151 28.29 -19.95 -12.77
N PRO C 152 27.85 -20.97 -12.05
CA PRO C 152 28.80 -21.83 -11.32
C PRO C 152 29.47 -22.84 -12.23
N ARG C 153 30.58 -23.38 -11.72
CA ARG C 153 31.35 -24.38 -12.45
C ARG C 153 30.54 -25.66 -12.63
N ARG C 154 30.49 -26.15 -13.87
CA ARG C 154 29.77 -27.37 -14.19
C ARG C 154 30.77 -28.49 -14.48
N VAL C 155 30.42 -29.71 -14.07
CA VAL C 155 31.28 -30.86 -14.29
C VAL C 155 30.51 -31.95 -15.02
N PHE D 6 -18.51 18.47 -7.17
CA PHE D 6 -17.39 17.53 -7.17
C PHE D 6 -16.38 17.91 -6.09
N SER D 7 -16.79 17.77 -4.84
CA SER D 7 -16.04 18.14 -3.66
C SER D 7 -15.51 16.89 -2.95
N HIS D 8 -14.72 17.11 -1.90
CA HIS D 8 -14.21 16.00 -1.11
C HIS D 8 -15.36 15.20 -0.51
N GLU D 9 -16.37 15.89 0.01
CA GLU D 9 -17.54 15.19 0.55
C GLU D 9 -18.30 14.45 -0.53
N TYR D 10 -18.25 14.95 -1.77
CA TYR D 10 -18.92 14.27 -2.88
C TYR D 10 -18.30 12.90 -3.12
N TRP D 11 -16.97 12.83 -3.19
CA TRP D 11 -16.30 11.55 -3.38
C TRP D 11 -16.34 10.70 -2.10
N MET D 12 -16.37 11.35 -0.94
CA MET D 12 -16.44 10.62 0.32
C MET D 12 -17.73 9.83 0.43
N ARG D 13 -18.85 10.39 -0.04
CA ARG D 13 -20.12 9.68 -0.03
C ARG D 13 -20.08 8.46 -0.95
N HIS D 14 -19.35 8.55 -2.06
CA HIS D 14 -19.23 7.40 -2.96
C HIS D 14 -18.46 6.26 -2.30
N ALA D 15 -17.42 6.59 -1.53
CA ALA D 15 -16.67 5.55 -0.82
C ALA D 15 -17.50 4.92 0.29
N LEU D 16 -18.36 5.70 0.94
CA LEU D 16 -19.21 5.15 2.00
C LEU D 16 -20.19 4.13 1.45
N THR D 17 -20.72 4.37 0.25
CA THR D 17 -21.62 3.39 -0.36
C THR D 17 -20.88 2.11 -0.70
N LEU D 18 -19.65 2.22 -1.20
CA LEU D 18 -18.88 1.03 -1.54
C LEU D 18 -18.53 0.22 -0.29
N ALA D 19 -18.46 0.87 0.87
CA ALA D 19 -18.14 0.17 2.11
C ALA D 19 -19.22 -0.84 2.51
N LYS D 20 -20.45 -0.68 2.02
CA LYS D 20 -21.50 -1.63 2.34
C LYS D 20 -21.20 -3.02 1.77
N ARG D 21 -20.42 -3.08 0.69
CA ARG D 21 -20.09 -4.36 0.07
C ARG D 21 -19.10 -5.18 0.88
N ALA D 22 -18.58 -4.65 1.98
CA ALA D 22 -17.60 -5.35 2.81
C ALA D 22 -18.15 -5.65 4.21
N ARG D 23 -19.48 -5.79 4.32
CA ARG D 23 -20.08 -6.02 5.63
C ARG D 23 -19.76 -7.40 6.18
N ASP D 24 -19.59 -8.40 5.30
CA ASP D 24 -19.31 -9.77 5.71
C ASP D 24 -17.81 -10.07 5.77
N GLU D 25 -16.99 -9.08 6.08
CA GLU D 25 -15.55 -9.22 6.15
C GLU D 25 -15.06 -8.95 7.57
N ARG D 26 -13.99 -9.64 7.96
CA ARG D 26 -13.43 -9.50 9.30
C ARG D 26 -12.82 -8.11 9.45
N GLY D 27 -13.47 -7.24 10.20
CA GLY D 27 -12.96 -5.91 10.46
C GLY D 27 -13.98 -4.85 10.14
N VAL D 28 -13.53 -3.60 10.27
CA VAL D 28 -14.38 -2.44 9.96
C VAL D 28 -14.60 -2.38 8.45
N PRO D 29 -15.83 -2.14 7.99
CA PRO D 29 -16.05 -2.03 6.53
C PRO D 29 -15.39 -0.76 5.99
N VAL D 30 -14.57 -0.92 4.96
CA VAL D 30 -13.84 0.17 4.34
C VAL D 30 -14.24 0.26 2.87
N GLY D 31 -14.46 1.49 2.42
CA GLY D 31 -14.73 1.75 1.02
C GLY D 31 -13.77 2.78 0.47
N ALA D 32 -13.30 2.55 -0.75
CA ALA D 32 -12.29 3.41 -1.34
C ALA D 32 -12.65 3.73 -2.78
N VAL D 33 -12.27 4.94 -3.21
CA VAL D 33 -12.45 5.39 -4.59
C VAL D 33 -11.22 6.20 -5.00
N LEU D 34 -10.72 5.94 -6.20
CA LEU D 34 -9.54 6.62 -6.74
C LEU D 34 -10.00 7.61 -7.80
N VAL D 35 -9.65 8.87 -7.63
CA VAL D 35 -10.11 9.96 -8.49
C VAL D 35 -8.91 10.67 -9.09
N LEU D 36 -8.95 10.87 -10.41
CA LEU D 36 -7.94 11.63 -11.13
C LEU D 36 -8.66 12.59 -12.07
N ASN D 37 -8.45 13.90 -11.86
CA ASN D 37 -9.09 14.95 -12.65
C ASN D 37 -10.61 14.84 -12.57
N ASN D 38 -11.12 14.69 -11.35
CA ASN D 38 -12.56 14.61 -11.07
C ASN D 38 -13.22 13.45 -11.81
N ARG D 39 -12.48 12.36 -12.02
CA ARG D 39 -13.03 11.18 -12.68
C ARG D 39 -12.58 9.93 -11.93
N VAL D 40 -13.51 9.00 -11.77
CA VAL D 40 -13.22 7.75 -11.05
C VAL D 40 -12.43 6.83 -11.97
N ILE D 41 -11.22 6.46 -11.53
CA ILE D 41 -10.41 5.48 -12.24
C ILE D 41 -10.24 4.18 -11.46
N GLY D 42 -10.68 4.13 -10.21
CA GLY D 42 -10.58 2.93 -9.41
C GLY D 42 -11.57 2.89 -8.27
N GLU D 43 -12.15 1.72 -8.03
CA GLU D 43 -13.09 1.51 -6.94
C GLU D 43 -12.73 0.24 -6.19
N GLY D 44 -13.05 0.21 -4.91
CA GLY D 44 -12.72 -0.95 -4.11
C GLY D 44 -13.32 -1.01 -2.72
N TRP D 45 -13.50 -2.23 -2.21
CA TRP D 45 -13.92 -2.46 -0.84
C TRP D 45 -13.16 -3.66 -0.30
N ASN D 46 -13.29 -3.90 1.00
CA ASN D 46 -12.60 -5.02 1.62
C ASN D 46 -13.21 -6.33 1.14
N ARG D 47 -12.38 -7.16 0.50
CA ARG D 47 -12.86 -8.45 -0.02
C ARG D 47 -11.76 -9.49 0.09
N ALA D 48 -11.08 -9.54 1.24
CA ALA D 48 -10.00 -10.51 1.42
C ALA D 48 -10.53 -11.93 1.38
N ASN D 49 -11.60 -12.22 2.14
CA ASN D 49 -12.15 -13.56 2.14
C ASN D 49 -12.88 -13.88 0.84
N GLY D 50 -13.52 -12.88 0.22
CA GLY D 50 -14.23 -13.12 -1.02
C GLY D 50 -13.34 -13.40 -2.20
N LEU D 51 -12.09 -12.95 -2.16
CA LEU D 51 -11.15 -13.13 -3.25
C LEU D 51 -10.00 -14.05 -2.90
N HIS D 52 -9.94 -14.56 -1.66
CA HIS D 52 -8.82 -15.36 -1.19
C HIS D 52 -7.50 -14.62 -1.39
N ASP D 53 -7.54 -13.32 -1.15
CA ASP D 53 -6.40 -12.43 -1.37
C ASP D 53 -6.09 -11.69 -0.08
N PRO D 54 -4.93 -11.92 0.55
CA PRO D 54 -4.59 -11.19 1.78
C PRO D 54 -4.37 -9.70 1.56
N THR D 55 -4.26 -9.25 0.32
CA THR D 55 -4.06 -7.84 0.01
C THR D 55 -5.32 -7.18 -0.52
N ALA D 56 -6.45 -7.88 -0.52
CA ALA D 56 -7.69 -7.36 -1.11
C ALA D 56 -8.38 -6.38 -0.16
N HIS D 57 -7.65 -5.32 0.17
CA HIS D 57 -8.20 -4.23 0.96
C HIS D 57 -8.87 -3.21 0.04
N ALA D 58 -9.68 -2.35 0.65
CA ALA D 58 -10.40 -1.34 -0.12
C ALA D 58 -9.44 -0.44 -0.89
N GLU D 59 -8.42 0.07 -0.19
CA GLU D 59 -7.45 0.96 -0.83
C GLU D 59 -6.69 0.24 -1.94
N ILE D 60 -6.36 -1.04 -1.71
CA ILE D 60 -5.59 -1.78 -2.71
C ILE D 60 -6.44 -2.05 -3.94
N MET D 61 -7.70 -2.44 -3.76
CA MET D 61 -8.58 -2.71 -4.89
C MET D 61 -8.74 -1.47 -5.77
N ALA D 62 -8.79 -0.29 -5.15
CA ALA D 62 -8.88 0.95 -5.93
C ALA D 62 -7.57 1.24 -6.66
N LEU D 63 -6.43 0.99 -6.01
CA LEU D 63 -5.15 1.23 -6.65
C LEU D 63 -4.90 0.22 -7.78
N ARG D 64 -5.36 -1.01 -7.63
N ARG D 64 -5.34 -1.02 -7.61
CA ARG D 64 -5.16 -2.00 -8.68
CA ARG D 64 -5.19 -2.01 -8.66
C ARG D 64 -6.10 -1.77 -9.87
C ARG D 64 -6.06 -1.68 -9.87
N GLN D 65 -7.30 -1.24 -9.62
CA GLN D 65 -8.19 -0.88 -10.72
C GLN D 65 -7.69 0.37 -11.44
N GLY D 66 -7.12 1.31 -10.69
CA GLY D 66 -6.55 2.50 -11.31
C GLY D 66 -5.37 2.18 -12.20
N GLY D 67 -4.51 1.27 -11.77
CA GLY D 67 -3.38 0.88 -12.60
C GLY D 67 -3.79 0.21 -13.90
N LEU D 68 -4.91 -0.50 -13.89
CA LEU D 68 -5.41 -1.12 -15.11
C LEU D 68 -5.94 -0.07 -16.08
N VAL D 69 -6.64 0.93 -15.55
CA VAL D 69 -7.21 1.97 -16.41
C VAL D 69 -6.13 2.87 -16.98
N MET D 70 -5.14 3.25 -16.16
CA MET D 70 -4.09 4.15 -16.61
C MET D 70 -2.96 3.42 -17.35
N GLN D 71 -2.99 2.10 -17.40
CA GLN D 71 -1.91 1.33 -18.04
C GLN D 71 -0.57 1.80 -17.49
N ASN D 72 -0.47 1.94 -16.18
CA ASN D 72 0.77 2.36 -15.52
C ASN D 72 0.61 2.14 -14.03
N TYR D 73 1.60 1.45 -13.43
CA TYR D 73 1.55 1.22 -11.99
C TYR D 73 1.80 2.47 -11.18
N ARG D 74 2.21 3.57 -11.81
CA ARG D 74 2.38 4.84 -11.13
C ARG D 74 1.22 5.76 -11.49
N LEU D 75 0.44 6.13 -10.47
CA LEU D 75 -0.77 6.93 -10.66
C LEU D 75 -0.55 8.33 -10.08
N TYR D 76 0.25 9.12 -10.80
CA TYR D 76 0.59 10.46 -10.34
C TYR D 76 -0.64 11.35 -10.30
N ASP D 77 -0.65 12.27 -9.34
CA ASP D 77 -1.67 13.31 -9.20
C ASP D 77 -3.07 12.74 -8.95
N ALA D 78 -3.17 11.48 -8.54
CA ALA D 78 -4.46 10.89 -8.23
C ALA D 78 -4.78 11.06 -6.75
N THR D 79 -6.06 11.15 -6.43
CA THR D 79 -6.54 11.33 -5.08
C THR D 79 -7.35 10.12 -4.67
N LEU D 80 -7.00 9.52 -3.54
CA LEU D 80 -7.67 8.32 -3.04
C LEU D 80 -8.55 8.70 -1.86
N TYR D 81 -9.85 8.43 -1.98
CA TYR D 81 -10.81 8.66 -0.92
C TYR D 81 -11.12 7.32 -0.24
N SER D 82 -10.85 7.24 1.06
CA SER D 82 -11.11 6.04 1.84
C SER D 82 -11.94 6.37 3.07
N THR D 83 -12.80 5.44 3.47
CA THR D 83 -13.61 5.64 4.67
C THR D 83 -12.81 5.40 5.95
N PHE D 84 -11.59 4.88 5.84
CA PHE D 84 -10.79 4.53 7.00
C PHE D 84 -9.34 4.95 6.76
N GLU D 85 -8.63 5.17 7.85
CA GLU D 85 -7.20 5.45 7.77
C GLU D 85 -6.49 4.23 7.19
N PRO D 86 -5.55 4.42 6.27
CA PRO D 86 -4.92 3.26 5.63
C PRO D 86 -3.99 2.52 6.59
N CYS D 87 -3.87 1.22 6.34
CA CYS D 87 -2.97 0.38 7.11
C CYS D 87 -1.56 0.46 6.55
N VAL D 88 -0.65 -0.34 7.13
CA VAL D 88 0.74 -0.32 6.68
C VAL D 88 0.87 -0.83 5.25
N MET D 89 0.03 -1.79 4.86
CA MET D 89 0.09 -2.30 3.49
C MET D 89 -0.49 -1.29 2.51
N CYS D 90 -1.63 -0.69 2.85
CA CYS D 90 -2.25 0.30 1.96
C CYS D 90 -1.42 1.56 1.87
N ALA D 91 -0.87 2.01 3.00
CA ALA D 91 -0.02 3.20 2.97
C ALA D 91 1.22 2.99 2.10
N GLY D 92 1.77 1.78 2.13
CA GLY D 92 2.89 1.47 1.26
C GLY D 92 2.50 1.41 -0.20
N ALA D 93 1.28 0.95 -0.49
CA ALA D 93 0.82 0.93 -1.87
C ALA D 93 0.53 2.34 -2.39
N MET D 94 0.11 3.24 -1.49
CA MET D 94 -0.13 4.61 -1.90
C MET D 94 1.18 5.33 -2.21
N ILE D 95 2.25 5.00 -1.49
CA ILE D 95 3.56 5.59 -1.76
C ILE D 95 4.12 5.07 -3.07
N HIS D 96 4.00 3.76 -3.32
CA HIS D 96 4.53 3.19 -4.55
C HIS D 96 3.69 3.57 -5.76
N SER D 97 2.40 3.84 -5.56
CA SER D 97 1.57 4.37 -6.63
C SER D 97 1.86 5.85 -6.88
N ARG D 98 2.51 6.52 -5.94
CA ARG D 98 2.86 7.94 -6.05
C ARG D 98 1.62 8.82 -6.26
N ILE D 99 0.52 8.44 -5.61
CA ILE D 99 -0.66 9.28 -5.67
C ILE D 99 -0.41 10.59 -4.94
N GLY D 100 -1.17 11.62 -5.32
CA GLY D 100 -0.92 12.95 -4.78
C GLY D 100 -1.46 13.16 -3.39
N ARG D 101 -2.60 12.56 -3.06
CA ARG D 101 -3.26 12.84 -1.81
C ARG D 101 -4.16 11.67 -1.43
N VAL D 102 -4.26 11.43 -0.12
CA VAL D 102 -5.22 10.50 0.45
C VAL D 102 -6.17 11.28 1.33
N VAL D 103 -7.46 11.01 1.20
CA VAL D 103 -8.49 11.67 1.98
C VAL D 103 -9.30 10.59 2.67
N PHE D 104 -9.07 10.41 3.97
CA PHE D 104 -9.82 9.44 4.76
C PHE D 104 -10.63 10.17 5.82
N GLY D 105 -11.75 9.56 6.21
CA GLY D 105 -12.69 10.21 7.11
C GLY D 105 -12.31 10.11 8.58
N VAL D 106 -12.13 8.89 9.08
CA VAL D 106 -11.87 8.65 10.50
C VAL D 106 -10.58 7.87 10.62
N ARG D 107 -9.87 8.07 11.73
CA ARG D 107 -8.58 7.44 11.96
C ARG D 107 -8.75 5.99 12.42
N ASN D 108 -7.72 5.20 12.19
CA ASN D 108 -7.65 3.80 12.60
C ASN D 108 -6.67 3.72 13.78
N ALA D 109 -7.19 3.90 14.98
CA ALA D 109 -6.35 3.91 16.18
C ALA D 109 -5.83 2.53 16.55
N LYS D 110 -5.94 1.56 15.64
CA LYS D 110 -5.48 0.20 15.85
C LYS D 110 -4.41 -0.22 14.87
N THR D 111 -4.60 0.02 13.57
CA THR D 111 -3.65 -0.41 12.55
C THR D 111 -3.29 0.74 11.61
N GLY D 112 -3.75 1.96 11.89
CA GLY D 112 -3.52 3.06 10.97
C GLY D 112 -2.06 3.46 10.93
N ALA D 113 -1.57 3.71 9.72
CA ALA D 113 -0.17 4.06 9.48
C ALA D 113 -0.04 5.47 8.92
N ALA D 114 -0.96 6.36 9.28
CA ALA D 114 -0.93 7.76 8.84
C ALA D 114 -1.01 8.72 10.01
N GLY D 115 -0.52 8.30 11.18
CA GLY D 115 -0.53 9.16 12.34
C GLY D 115 -0.94 8.48 13.62
N SER D 116 -1.70 7.38 13.49
CA SER D 116 -2.23 6.69 14.67
C SER D 116 -1.16 5.83 15.32
N LEU D 117 -0.86 4.66 14.75
CA LEU D 117 0.19 3.81 15.28
C LEU D 117 1.57 4.30 14.85
N MET D 118 1.65 4.88 13.65
CA MET D 118 2.87 5.49 13.12
C MET D 118 2.45 6.34 11.93
N ASP D 119 3.43 6.94 11.26
CA ASP D 119 3.19 7.76 10.07
C ASP D 119 4.12 7.25 8.98
N VAL D 120 3.63 6.30 8.18
CA VAL D 120 4.41 5.76 7.09
C VAL D 120 4.38 6.70 5.88
N LEU D 121 3.27 7.40 5.68
CA LEU D 121 3.17 8.31 4.54
C LEU D 121 4.10 9.51 4.70
N HIS D 122 4.38 9.92 5.94
CA HIS D 122 5.25 11.06 6.21
C HIS D 122 6.58 10.62 6.83
N HIS D 123 6.98 9.37 6.62
CA HIS D 123 8.27 8.92 7.12
C HIS D 123 9.39 9.59 6.34
N PRO D 124 10.46 10.04 7.01
CA PRO D 124 11.51 10.80 6.31
C PRO D 124 12.28 10.00 5.28
N GLY D 125 12.27 8.67 5.36
CA GLY D 125 12.99 7.84 4.41
C GLY D 125 12.28 7.52 3.12
N MET D 126 11.14 8.15 2.83
CA MET D 126 10.39 7.81 1.64
C MET D 126 10.85 8.61 0.43
N ASN D 127 10.59 8.02 -0.74
CA ASN D 127 10.95 8.67 -2.02
C ASN D 127 9.78 9.48 -2.53
N HIS D 128 8.62 9.33 -1.91
CA HIS D 128 7.43 10.10 -2.27
C HIS D 128 6.68 10.45 -0.99
N ARG D 129 6.04 11.61 -1.00
CA ARG D 129 5.22 12.07 0.11
C ARG D 129 3.77 12.16 -0.35
N VAL D 130 2.89 11.44 0.32
CA VAL D 130 1.46 11.46 0.02
C VAL D 130 0.79 12.41 0.99
N GLU D 131 0.08 13.40 0.45
CA GLU D 131 -0.61 14.36 1.29
C GLU D 131 -1.82 13.72 1.97
N ILE D 132 -2.10 14.16 3.19
CA ILE D 132 -3.13 13.58 4.04
C ILE D 132 -4.19 14.63 4.32
N THR D 133 -5.45 14.25 4.13
CA THR D 133 -6.59 15.09 4.47
C THR D 133 -7.61 14.25 5.23
N GLU D 134 -7.87 14.61 6.47
CA GLU D 134 -8.75 13.85 7.35
C GLU D 134 -9.92 14.69 7.82
N GLY D 135 -10.97 14.02 8.27
CA GLY D 135 -12.15 14.67 8.82
C GLY D 135 -13.30 14.84 7.86
N ILE D 136 -13.15 14.39 6.61
CA ILE D 136 -14.21 14.55 5.61
C ILE D 136 -15.32 13.54 5.90
N LEU D 137 -16.52 14.04 6.17
CA LEU D 137 -17.67 13.22 6.53
C LEU D 137 -17.34 12.31 7.72
N ALA D 138 -16.76 12.92 8.76
CA ALA D 138 -16.28 12.16 9.90
C ALA D 138 -17.43 11.48 10.65
N ASP D 139 -18.57 12.17 10.78
CA ASP D 139 -19.70 11.59 11.50
C ASP D 139 -20.23 10.35 10.79
N GLU D 140 -20.38 10.42 9.46
CA GLU D 140 -20.82 9.25 8.71
C GLU D 140 -19.75 8.16 8.70
N CYS D 141 -18.48 8.54 8.75
CA CYS D 141 -17.39 7.56 8.71
C CYS D 141 -17.11 6.98 10.09
N ALA D 142 -17.29 7.77 11.15
CA ALA D 142 -17.11 7.23 12.50
C ALA D 142 -18.17 6.20 12.84
N ALA D 143 -19.39 6.38 12.33
CA ALA D 143 -20.45 5.40 12.51
C ALA D 143 -20.14 4.09 11.80
N LEU D 144 -19.29 4.14 10.77
CA LEU D 144 -18.89 2.92 10.07
C LEU D 144 -18.09 1.98 10.94
N LEU D 145 -17.47 2.48 12.01
CA LEU D 145 -16.72 1.62 12.92
C LEU D 145 -17.61 0.60 13.62
N CYS D 146 -18.88 0.97 13.85
CA CYS D 146 -19.85 0.07 14.47
C CYS D 146 -20.83 -0.52 13.45
N ARG D 147 -20.46 -0.54 12.17
CA ARG D 147 -21.27 -1.15 11.12
C ARG D 147 -22.62 -0.45 10.98
N PHE D 148 -22.62 0.88 11.05
CA PHE D 148 -23.82 1.69 10.91
C PHE D 148 -23.79 2.41 9.57
N PHE D 149 -24.88 2.29 8.81
CA PHE D 149 -25.02 2.94 7.52
C PHE D 149 -26.25 3.84 7.52
N ARG D 150 -26.22 4.87 6.68
CA ARG D 150 -27.32 5.81 6.58
C ARG D 150 -28.36 5.33 5.56
N MET D 151 -29.56 5.87 5.69
CA MET D 151 -30.65 5.51 4.80
C MET D 151 -31.41 6.74 4.30
N PHE E 6 6.01 32.43 24.06
CA PHE E 6 4.78 32.86 23.40
C PHE E 6 4.16 31.71 22.61
N SER E 7 2.96 31.90 22.11
CA SER E 7 2.21 30.85 21.43
C SER E 7 2.19 31.08 19.92
N HIS E 8 1.71 30.06 19.21
CA HIS E 8 1.58 30.16 17.76
C HIS E 8 0.57 31.24 17.36
N GLU E 9 -0.57 31.29 18.06
CA GLU E 9 -1.57 32.31 17.77
C GLU E 9 -1.06 33.70 18.08
N TYR E 10 -0.15 33.82 19.05
CA TYR E 10 0.44 35.12 19.37
C TYR E 10 1.22 35.68 18.18
N TRP E 11 2.09 34.86 17.60
CA TRP E 11 2.86 35.31 16.43
C TRP E 11 1.98 35.39 15.19
N MET E 12 0.95 34.55 15.10
CA MET E 12 0.04 34.60 13.97
C MET E 12 -0.75 35.91 13.95
N ARG E 13 -1.15 36.40 15.12
CA ARG E 13 -1.83 37.69 15.19
C ARG E 13 -0.89 38.82 14.77
N HIS E 14 0.40 38.70 15.07
CA HIS E 14 1.38 39.69 14.62
C HIS E 14 1.52 39.65 13.10
N ALA E 15 1.49 38.45 12.51
CA ALA E 15 1.59 38.34 11.06
C ALA E 15 0.34 38.88 10.37
N LEU E 16 -0.82 38.72 10.99
CA LEU E 16 -2.06 39.23 10.41
C LEU E 16 -2.06 40.76 10.37
N THR E 17 -1.50 41.39 11.39
CA THR E 17 -1.42 42.85 11.42
C THR E 17 -0.54 43.38 10.31
N LEU E 18 0.59 42.72 10.05
CA LEU E 18 1.49 43.16 8.99
C LEU E 18 0.86 43.04 7.61
N ALA E 19 -0.10 42.13 7.45
CA ALA E 19 -0.76 41.95 6.17
C ALA E 19 -1.56 43.18 5.75
N LYS E 20 -1.94 44.03 6.70
CA LYS E 20 -2.68 45.25 6.36
C LYS E 20 -1.86 46.22 5.54
N ARG E 21 -0.52 46.13 5.61
CA ARG E 21 0.35 46.97 4.80
C ARG E 21 0.40 46.54 3.35
N ALA E 22 -0.11 45.36 3.01
CA ALA E 22 -0.13 44.86 1.65
C ALA E 22 -1.52 44.90 1.03
N ARG E 23 -2.37 45.82 1.53
CA ARG E 23 -3.74 45.89 1.02
C ARG E 23 -3.78 46.44 -0.40
N ASP E 24 -2.85 47.32 -0.76
CA ASP E 24 -2.81 47.93 -2.08
C ASP E 24 -1.91 47.17 -3.05
N GLU E 25 -1.80 45.85 -2.91
CA GLU E 25 -0.98 45.03 -3.77
C GLU E 25 -1.85 44.02 -4.51
N ARG E 26 -1.46 43.73 -5.76
CA ARG E 26 -2.20 42.78 -6.58
C ARG E 26 -2.01 41.38 -6.03
N GLY E 27 -3.05 40.82 -5.41
CA GLY E 27 -3.01 39.48 -4.88
C GLY E 27 -3.47 39.46 -3.43
N VAL E 28 -3.40 38.26 -2.85
CA VAL E 28 -3.81 38.07 -1.47
C VAL E 28 -2.81 38.76 -0.54
N PRO E 29 -3.27 39.54 0.44
CA PRO E 29 -2.33 40.14 1.40
C PRO E 29 -1.75 39.07 2.32
N VAL E 30 -0.42 39.02 2.38
CA VAL E 30 0.30 38.06 3.19
C VAL E 30 1.19 38.82 4.17
N GLY E 31 1.19 38.37 5.42
CA GLY E 31 2.08 38.92 6.44
C GLY E 31 2.90 37.82 7.07
N ALA E 32 4.18 38.10 7.29
CA ALA E 32 5.11 37.10 7.80
C ALA E 32 5.96 37.69 8.90
N VAL E 33 6.32 36.85 9.88
CA VAL E 33 7.21 37.24 10.97
C VAL E 33 8.13 36.06 11.28
N LEU E 34 9.42 36.35 11.45
CA LEU E 34 10.43 35.35 11.76
C LEU E 34 10.81 35.48 13.23
N VAL E 35 10.68 34.39 13.98
CA VAL E 35 10.89 34.39 15.42
C VAL E 35 11.94 33.35 15.79
N LEU E 36 12.90 33.74 16.63
CA LEU E 36 13.88 32.84 17.19
C LEU E 36 13.99 33.10 18.69
N ASN E 37 13.70 32.07 19.50
CA ASN E 37 13.74 32.17 20.95
C ASN E 37 12.78 33.24 21.46
N ASN E 38 11.55 33.19 20.96
CA ASN E 38 10.48 34.11 21.37
C ASN E 38 10.85 35.56 21.14
N ARG E 39 11.64 35.84 20.10
CA ARG E 39 12.04 37.20 19.77
C ARG E 39 11.93 37.39 18.26
N VAL E 40 11.41 38.54 17.85
CA VAL E 40 11.22 38.85 16.44
C VAL E 40 12.58 39.21 15.83
N ILE E 41 13.00 38.44 14.83
CA ILE E 41 14.21 38.75 14.08
C ILE E 41 13.92 39.11 12.63
N GLY E 42 12.68 38.95 12.17
CA GLY E 42 12.34 39.28 10.81
C GLY E 42 10.85 39.53 10.63
N GLU E 43 10.51 40.56 9.85
CA GLU E 43 9.13 40.90 9.54
C GLU E 43 9.00 41.14 8.05
N GLY E 44 7.79 40.89 7.52
CA GLY E 44 7.57 41.08 6.10
C GLY E 44 6.13 40.99 5.65
N TRP E 45 5.83 41.67 4.55
CA TRP E 45 4.52 41.61 3.91
C TRP E 45 4.72 41.59 2.40
N ASN E 46 3.63 41.34 1.68
CA ASN E 46 3.68 41.29 0.23
C ASN E 46 3.94 42.69 -0.32
N ARG E 47 5.05 42.86 -1.05
CA ARG E 47 5.38 44.17 -1.61
C ARG E 47 6.10 43.99 -2.95
N ALA E 48 5.58 43.11 -3.80
CA ALA E 48 6.21 42.86 -5.10
C ALA E 48 6.17 44.10 -5.97
N ASN E 49 4.99 44.73 -6.11
CA ASN E 49 4.88 45.92 -6.94
C ASN E 49 5.53 47.12 -6.25
N GLY E 50 5.40 47.21 -4.92
CA GLY E 50 5.94 48.35 -4.20
C GLY E 50 7.46 48.41 -4.18
N LEU E 51 8.13 47.27 -4.35
CA LEU E 51 9.57 47.20 -4.28
C LEU E 51 10.23 46.91 -5.62
N HIS E 52 9.44 46.71 -6.68
CA HIS E 52 9.97 46.33 -8.00
C HIS E 52 10.84 45.08 -7.90
N ASP E 53 10.42 44.16 -7.02
CA ASP E 53 11.17 42.95 -6.74
C ASP E 53 10.28 41.74 -6.95
N PRO E 54 10.57 40.88 -7.94
CA PRO E 54 9.74 39.68 -8.13
C PRO E 54 9.83 38.69 -6.97
N THR E 55 10.78 38.87 -6.05
CA THR E 55 10.92 38.01 -4.89
C THR E 55 10.43 38.67 -3.61
N ALA E 56 9.83 39.85 -3.70
CA ALA E 56 9.42 40.60 -2.51
C ALA E 56 8.10 40.07 -1.95
N HIS E 57 8.11 38.78 -1.61
CA HIS E 57 6.98 38.16 -0.95
C HIS E 57 7.12 38.32 0.56
N ALA E 58 6.00 38.10 1.27
CA ALA E 58 5.99 38.30 2.72
C ALA E 58 7.02 37.41 3.41
N GLU E 59 7.02 36.13 3.07
CA GLU E 59 7.96 35.20 3.70
C GLU E 59 9.40 35.57 3.40
N ILE E 60 9.68 36.05 2.18
CA ILE E 60 11.05 36.36 1.80
C ILE E 60 11.56 37.59 2.54
N MET E 61 10.73 38.64 2.64
CA MET E 61 11.15 39.86 3.33
C MET E 61 11.53 39.58 4.77
N ALA E 62 10.80 38.67 5.44
CA ALA E 62 11.16 38.30 6.80
C ALA E 62 12.48 37.52 6.83
N LEU E 63 12.68 36.62 5.86
CA LEU E 63 13.92 35.86 5.81
C LEU E 63 15.10 36.76 5.48
N ARG E 64 14.92 37.70 4.54
CA ARG E 64 16.00 38.64 4.23
C ARG E 64 16.27 39.56 5.41
N GLN E 65 15.23 39.97 6.13
CA GLN E 65 15.45 40.79 7.33
C GLN E 65 16.07 39.96 8.43
N GLY E 66 15.70 38.68 8.54
CA GLY E 66 16.31 37.82 9.54
C GLY E 66 17.79 37.63 9.31
N GLY E 67 18.20 37.45 8.05
CA GLY E 67 19.61 37.33 7.74
C GLY E 67 20.38 38.60 8.02
N LEU E 68 19.74 39.76 7.85
CA LEU E 68 20.41 41.02 8.17
C LEU E 68 20.53 41.22 9.67
N VAL E 69 19.48 40.87 10.42
CA VAL E 69 19.52 41.03 11.87
C VAL E 69 20.49 40.03 12.48
N MET E 70 20.50 38.79 11.99
CA MET E 70 21.38 37.76 12.51
C MET E 70 22.78 37.83 11.93
N GLN E 71 23.01 38.67 10.93
CA GLN E 71 24.31 38.76 10.25
C GLN E 71 24.76 37.39 9.78
N ASN E 72 23.81 36.61 9.28
CA ASN E 72 24.05 35.25 8.82
C ASN E 72 22.89 34.83 7.94
N TYR E 73 23.20 34.35 6.74
CA TYR E 73 22.16 33.87 5.83
C TYR E 73 21.56 32.54 6.28
N ARG E 74 22.12 31.92 7.32
CA ARG E 74 21.59 30.67 7.86
C ARG E 74 20.82 30.97 9.15
N LEU E 75 19.53 30.69 9.13
CA LEU E 75 18.65 30.96 10.27
C LEU E 75 18.18 29.64 10.87
N TYR E 76 19.12 28.96 11.53
CA TYR E 76 18.81 27.65 12.12
C TYR E 76 17.80 27.79 13.25
N ASP E 77 16.94 26.77 13.37
CA ASP E 77 15.99 26.62 14.48
C ASP E 77 14.99 27.77 14.55
N ALA E 78 14.83 28.54 13.48
CA ALA E 78 13.88 29.64 13.46
C ALA E 78 12.54 29.18 12.91
N THR E 79 11.48 29.83 13.38
CA THR E 79 10.11 29.54 12.95
C THR E 79 9.53 30.77 12.28
N LEU E 80 9.04 30.60 11.05
CA LEU E 80 8.45 31.70 10.29
C LEU E 80 6.94 31.53 10.27
N TYR E 81 6.23 32.55 10.76
CA TYR E 81 4.77 32.56 10.77
C TYR E 81 4.28 33.38 9.59
N SER E 82 3.50 32.75 8.71
CA SER E 82 2.93 33.42 7.54
C SER E 82 1.43 33.18 7.52
N THR E 83 0.69 34.17 7.03
CA THR E 83 -0.76 34.03 6.94
C THR E 83 -1.20 33.17 5.75
N PHE E 84 -0.27 32.78 4.87
CA PHE E 84 -0.61 32.05 3.67
C PHE E 84 0.41 30.94 3.45
N GLU E 85 -0.02 29.89 2.76
CA GLU E 85 0.89 28.81 2.39
C GLU E 85 1.95 29.34 1.42
N PRO E 86 3.22 28.98 1.61
CA PRO E 86 4.27 29.52 0.74
C PRO E 86 4.23 28.96 -0.67
N CYS E 87 4.71 29.77 -1.62
CA CYS E 87 4.79 29.37 -3.03
C CYS E 87 6.08 28.56 -3.26
N VAL E 88 6.34 28.11 -4.48
CA VAL E 88 7.54 27.25 -4.74
C VAL E 88 8.82 28.05 -4.55
N MET E 89 8.76 29.37 -4.73
CA MET E 89 9.90 30.25 -4.53
C MET E 89 10.13 30.55 -3.04
N CYS E 90 9.05 30.83 -2.30
CA CYS E 90 9.19 31.08 -0.87
C CYS E 90 9.61 29.81 -0.14
N ALA E 91 9.03 28.67 -0.53
CA ALA E 91 9.39 27.40 0.10
C ALA E 91 10.87 27.08 -0.11
N GLY E 92 11.41 27.43 -1.28
CA GLY E 92 12.83 27.23 -1.52
C GLY E 92 13.72 28.11 -0.66
N ALA E 93 13.25 29.32 -0.35
CA ALA E 93 14.03 30.21 0.51
C ALA E 93 14.11 29.69 1.93
N MET E 94 13.07 28.99 2.39
CA MET E 94 13.09 28.43 3.74
C MET E 94 14.09 27.28 3.85
N ILE E 95 14.27 26.51 2.77
CA ILE E 95 15.25 25.44 2.79
C ILE E 95 16.66 26.01 2.83
N HIS E 96 16.93 27.04 2.02
CA HIS E 96 18.27 27.61 1.99
C HIS E 96 18.57 28.44 3.23
N SER E 97 17.53 29.02 3.85
CA SER E 97 17.73 29.67 5.13
C SER E 97 17.82 28.66 6.26
N ARG E 98 17.40 27.42 6.00
CA ARG E 98 17.46 26.32 6.97
C ARG E 98 16.68 26.65 8.24
N ILE E 99 15.54 27.34 8.08
CA ILE E 99 14.68 27.60 9.23
C ILE E 99 14.08 26.30 9.73
N GLY E 100 13.72 26.28 11.01
CA GLY E 100 13.27 25.05 11.64
C GLY E 100 11.82 24.69 11.35
N ARG E 101 10.95 25.69 11.22
CA ARG E 101 9.52 25.42 11.13
C ARG E 101 8.83 26.56 10.40
N VAL E 102 7.80 26.22 9.63
CA VAL E 102 6.91 27.20 9.02
C VAL E 102 5.51 26.95 9.59
N VAL E 103 4.84 28.03 9.99
CA VAL E 103 3.51 27.96 10.56
C VAL E 103 2.63 28.88 9.73
N PHE E 104 1.79 28.30 8.88
CA PHE E 104 0.88 29.06 8.05
C PHE E 104 -0.57 28.77 8.41
N GLY E 105 -1.44 29.75 8.20
CA GLY E 105 -2.82 29.67 8.60
C GLY E 105 -3.72 28.91 7.65
N VAL E 106 -3.75 29.35 6.39
CA VAL E 106 -4.63 28.76 5.38
C VAL E 106 -3.79 28.29 4.21
N ARG E 107 -4.27 27.24 3.55
CA ARG E 107 -3.57 26.62 2.43
C ARG E 107 -3.79 27.41 1.15
N ASN E 108 -2.85 27.25 0.22
CA ASN E 108 -2.93 27.85 -1.11
C ASN E 108 -3.21 26.70 -2.08
N ALA E 109 -4.50 26.41 -2.29
CA ALA E 109 -4.91 25.28 -3.11
C ALA E 109 -4.68 25.49 -4.60
N LYS E 110 -3.91 26.50 -5.02
CA LYS E 110 -3.65 26.73 -6.43
C LYS E 110 -2.17 26.65 -6.78
N THR E 111 -1.30 27.32 -6.03
CA THR E 111 0.13 27.32 -6.29
C THR E 111 0.95 27.01 -5.04
N GLY E 112 0.31 26.57 -3.95
CA GLY E 112 1.03 26.34 -2.72
C GLY E 112 1.98 25.16 -2.82
N ALA E 113 3.18 25.33 -2.25
CA ALA E 113 4.23 24.34 -2.31
C ALA E 113 4.55 23.76 -0.93
N ALA E 114 3.53 23.69 -0.06
CA ALA E 114 3.69 23.12 1.28
C ALA E 114 2.65 22.03 1.53
N GLY E 115 2.20 21.36 0.46
CA GLY E 115 1.24 20.29 0.61
C GLY E 115 0.10 20.32 -0.39
N SER E 116 -0.21 21.51 -0.90
CA SER E 116 -1.34 21.66 -1.83
C SER E 116 -0.95 21.21 -3.23
N LEU E 117 -0.23 22.06 -3.96
CA LEU E 117 0.22 21.70 -5.30
C LEU E 117 1.46 20.82 -5.25
N MET E 118 2.31 20.99 -4.25
CA MET E 118 3.48 20.15 -4.04
C MET E 118 3.97 20.36 -2.62
N ASP E 119 5.05 19.66 -2.26
CA ASP E 119 5.67 19.77 -0.95
C ASP E 119 7.17 19.94 -1.14
N VAL E 120 7.62 21.20 -1.23
CA VAL E 120 9.05 21.45 -1.40
C VAL E 120 9.78 21.34 -0.07
N LEU E 121 9.12 21.71 1.03
CA LEU E 121 9.76 21.64 2.34
C LEU E 121 9.98 20.20 2.77
N HIS E 122 9.13 19.28 2.31
CA HIS E 122 9.26 17.86 2.62
C HIS E 122 9.61 17.03 1.40
N HIS E 123 10.23 17.64 0.39
CA HIS E 123 10.64 16.90 -0.78
C HIS E 123 11.79 15.95 -0.42
N PRO E 124 11.76 14.69 -0.87
CA PRO E 124 12.79 13.74 -0.46
C PRO E 124 14.17 14.03 -1.03
N GLY E 125 14.27 14.76 -2.13
CA GLY E 125 15.57 15.08 -2.71
C GLY E 125 16.22 16.32 -2.15
N MET E 126 15.65 16.92 -1.10
CA MET E 126 16.15 18.15 -0.52
C MET E 126 17.18 17.88 0.57
N ASN E 127 18.04 18.87 0.78
CA ASN E 127 19.04 18.83 1.85
C ASN E 127 18.45 19.22 3.20
N HIS E 128 17.22 19.71 3.19
CA HIS E 128 16.65 20.18 4.46
C HIS E 128 15.15 19.97 4.42
N ARG E 129 14.59 19.61 5.56
CA ARG E 129 13.13 19.52 5.65
C ARG E 129 12.69 20.62 6.61
N VAL E 130 11.63 21.32 6.26
CA VAL E 130 11.08 22.33 7.19
C VAL E 130 9.76 21.77 7.73
N GLU E 131 9.68 21.59 9.05
CA GLU E 131 8.46 21.14 9.71
C GLU E 131 7.32 22.08 9.38
N ILE E 132 6.12 21.51 9.24
CA ILE E 132 4.94 22.24 8.81
C ILE E 132 3.90 22.18 9.92
N THR E 133 3.35 23.34 10.27
CA THR E 133 2.24 23.44 11.22
C THR E 133 1.20 24.37 10.60
N GLU E 134 0.01 23.83 10.31
CA GLU E 134 -1.03 24.58 9.63
C GLU E 134 -2.29 24.62 10.47
N GLY E 135 -3.16 25.58 10.15
CA GLY E 135 -4.44 25.73 10.81
C GLY E 135 -4.48 26.77 11.91
N ILE E 136 -3.35 27.43 12.19
CA ILE E 136 -3.31 28.43 13.26
C ILE E 136 -4.03 29.68 12.80
N LEU E 137 -5.07 30.08 13.53
CA LEU E 137 -5.92 31.21 13.16
C LEU E 137 -6.47 31.03 11.75
N ALA E 138 -7.02 29.84 11.50
CA ALA E 138 -7.47 29.49 10.16
C ALA E 138 -8.61 30.37 9.69
N ASP E 139 -9.53 30.73 10.59
CA ASP E 139 -10.68 31.55 10.20
C ASP E 139 -10.23 32.94 9.76
N GLU E 140 -9.33 33.56 10.53
CA GLU E 140 -8.85 34.89 10.17
C GLU E 140 -8.02 34.86 8.89
N CYS E 141 -7.16 33.85 8.75
CA CYS E 141 -6.29 33.78 7.58
C CYS E 141 -7.08 33.43 6.32
N ALA E 142 -8.13 32.63 6.44
CA ALA E 142 -8.96 32.35 5.28
C ALA E 142 -9.76 33.57 4.85
N ALA E 143 -10.18 34.40 5.81
CA ALA E 143 -10.86 35.65 5.48
C ALA E 143 -9.92 36.64 4.82
N LEU E 144 -8.62 36.53 5.07
CA LEU E 144 -7.64 37.41 4.42
C LEU E 144 -7.55 37.17 2.93
N LEU E 145 -7.94 35.98 2.46
CA LEU E 145 -7.90 35.71 1.02
C LEU E 145 -8.88 36.59 0.26
N CYS E 146 -9.99 36.95 0.87
CA CYS E 146 -10.98 37.85 0.28
C CYS E 146 -10.92 39.26 0.86
N ARG E 147 -9.78 39.63 1.45
CA ARG E 147 -9.57 40.98 1.98
C ARG E 147 -10.58 41.29 3.10
N PHE E 148 -10.82 40.31 3.96
CA PHE E 148 -11.74 40.45 5.09
C PHE E 148 -10.93 40.50 6.38
N PHE E 149 -11.21 41.50 7.21
CA PHE E 149 -10.53 41.66 8.49
C PHE E 149 -11.56 41.63 9.62
N ARG E 150 -11.12 41.18 10.79
CA ARG E 150 -11.98 41.02 11.96
C ARG E 150 -11.88 42.26 12.85
N MET E 151 -13.03 42.86 13.15
CA MET E 151 -13.13 43.98 14.07
C MET E 151 -13.82 43.51 15.34
N PRO E 152 -13.07 43.01 16.33
CA PRO E 152 -13.72 42.41 17.50
C PRO E 152 -14.31 43.46 18.43
N ARG E 153 -15.18 42.99 19.32
CA ARG E 153 -15.79 43.87 20.31
C ARG E 153 -14.74 44.29 21.34
N ARG E 154 -14.60 45.59 21.54
CA ARG E 154 -13.65 46.14 22.49
C ARG E 154 -14.37 46.55 23.78
N VAL E 155 -13.63 46.54 24.87
CA VAL E 155 -14.18 46.91 26.18
C VAL E 155 -13.73 48.32 26.54
N PHE E 156 -14.01 48.74 27.77
CA PHE E 156 -13.68 50.08 28.25
C PHE E 156 -12.23 50.44 27.96
N ASN E 157 -12.01 51.37 27.02
CA ASN E 157 -10.69 51.82 26.58
C ASN E 157 -9.91 50.70 25.92
N ALA E 158 -10.14 50.49 24.63
CA ALA E 158 -9.35 49.58 23.76
C ALA E 158 -9.51 48.15 24.29
N GLN E 159 -8.42 47.38 24.38
CA GLN E 159 -8.43 45.98 24.77
C GLN E 159 -9.24 45.13 23.80
N LYS E 160 -9.44 43.86 24.14
CA LYS E 160 -10.17 42.94 23.26
C LYS E 160 -11.53 42.58 23.84
N PHE F 6 22.89 39.57 -30.36
CA PHE F 6 23.96 38.79 -29.78
C PHE F 6 23.54 37.33 -29.67
N SER F 7 24.47 36.45 -29.30
CA SER F 7 24.21 35.02 -29.32
C SER F 7 24.05 34.45 -27.91
N HIS F 8 23.61 33.20 -27.85
CA HIS F 8 23.48 32.52 -26.53
C HIS F 8 24.85 32.40 -25.92
N GLU F 9 25.80 31.89 -26.69
CA GLU F 9 27.14 31.68 -26.15
C GLU F 9 27.77 32.99 -25.69
N TYR F 10 27.40 34.11 -26.33
CA TYR F 10 27.94 35.41 -25.94
C TYR F 10 27.53 35.77 -24.53
N TRP F 11 26.23 35.62 -24.21
CA TRP F 11 25.76 35.97 -22.87
C TRP F 11 26.21 34.94 -21.83
N MET F 12 26.36 33.67 -22.23
CA MET F 12 26.83 32.65 -21.30
C MET F 12 28.26 32.92 -20.85
N ARG F 13 29.11 33.41 -21.75
CA ARG F 13 30.47 33.76 -21.37
C ARG F 13 30.50 34.91 -20.37
N HIS F 14 29.56 35.86 -20.49
CA HIS F 14 29.47 36.93 -19.52
C HIS F 14 29.07 36.40 -18.14
N ALA F 15 28.16 35.42 -18.12
CA ALA F 15 27.77 34.83 -16.84
C ALA F 15 28.91 34.03 -16.22
N LEU F 16 29.73 33.39 -17.05
CA LEU F 16 30.88 32.66 -16.52
C LEU F 16 31.89 33.59 -15.88
N THR F 17 32.08 34.78 -16.47
CA THR F 17 32.99 35.75 -15.88
C THR F 17 32.46 36.22 -14.52
N LEU F 18 31.15 36.48 -14.43
CA LEU F 18 30.56 36.88 -13.16
C LEU F 18 30.62 35.76 -12.13
N ALA F 19 30.64 34.50 -12.58
CA ALA F 19 30.68 33.38 -11.66
C ALA F 19 31.97 33.33 -10.85
N LYS F 20 33.04 33.95 -11.35
CA LYS F 20 34.29 34.01 -10.61
C LYS F 20 34.16 34.84 -9.34
N ARG F 21 33.18 35.73 -9.28
CA ARG F 21 33.01 36.59 -8.11
C ARG F 21 32.48 35.83 -6.89
N ALA F 22 31.90 34.65 -7.09
CA ALA F 22 31.40 33.82 -6.01
C ALA F 22 32.39 32.75 -5.58
N ARG F 23 33.69 33.02 -5.78
CA ARG F 23 34.71 32.02 -5.46
C ARG F 23 34.85 31.79 -3.97
N ASP F 24 34.60 32.83 -3.16
CA ASP F 24 34.72 32.73 -1.71
C ASP F 24 33.39 32.39 -1.03
N GLU F 25 32.52 31.65 -1.71
CA GLU F 25 31.23 31.25 -1.17
C GLU F 25 31.16 29.74 -1.10
N ARG F 26 30.49 29.23 -0.07
CA ARG F 26 30.32 27.79 0.13
C ARG F 26 29.36 27.23 -0.92
N GLY F 27 29.90 26.47 -1.87
CA GLY F 27 29.11 25.83 -2.90
C GLY F 27 29.66 26.11 -4.27
N VAL F 28 28.94 25.62 -5.27
CA VAL F 28 29.37 25.80 -6.66
C VAL F 28 29.21 27.27 -7.05
N PRO F 29 30.21 27.88 -7.67
CA PRO F 29 30.05 29.27 -8.12
C PRO F 29 29.10 29.33 -9.31
N VAL F 30 28.08 30.17 -9.19
CA VAL F 30 27.07 30.35 -10.22
C VAL F 30 27.05 31.81 -10.63
N GLY F 31 26.99 32.06 -11.93
CA GLY F 31 26.87 33.40 -12.47
C GLY F 31 25.66 33.50 -13.36
N ALA F 32 24.92 34.61 -13.24
CA ALA F 32 23.68 34.79 -13.99
C ALA F 32 23.64 36.20 -14.58
N VAL F 33 23.01 36.30 -15.74
CA VAL F 33 22.81 37.58 -16.42
C VAL F 33 21.42 37.58 -17.04
N LEU F 34 20.69 38.69 -16.86
CA LEU F 34 19.34 38.84 -17.39
C LEU F 34 19.40 39.78 -18.60
N VAL F 35 18.89 39.31 -19.74
CA VAL F 35 18.99 40.03 -21.00
C VAL F 35 17.58 40.29 -21.54
N LEU F 36 17.32 41.52 -21.93
CA LEU F 36 16.07 41.91 -22.59
C LEU F 36 16.41 42.75 -23.80
N ASN F 37 16.01 42.27 -24.99
CA ASN F 37 16.29 42.96 -26.26
C ASN F 37 17.77 43.15 -26.46
N ASN F 38 18.55 42.07 -26.27
CA ASN F 38 20.02 42.10 -26.47
C ASN F 38 20.68 43.19 -25.63
N ARG F 39 20.15 43.47 -24.43
CA ARG F 39 20.74 44.45 -23.54
C ARG F 39 20.69 43.90 -22.11
N VAL F 40 21.78 44.11 -21.38
CA VAL F 40 21.87 43.59 -20.01
C VAL F 40 21.03 44.46 -19.09
N ILE F 41 20.04 43.85 -18.45
CA ILE F 41 19.24 44.51 -17.43
C ILE F 41 19.44 43.93 -16.05
N GLY F 42 20.16 42.81 -15.93
CA GLY F 42 20.41 42.20 -14.64
C GLY F 42 21.63 41.31 -14.60
N GLU F 43 22.41 41.42 -13.52
CA GLU F 43 23.59 40.60 -13.30
C GLU F 43 23.57 40.08 -11.87
N GLY F 44 24.20 38.92 -11.66
CA GLY F 44 24.23 38.35 -10.33
C GLY F 44 25.13 37.15 -10.15
N TRP F 45 25.62 36.97 -8.92
CA TRP F 45 26.38 35.78 -8.53
C TRP F 45 25.98 35.40 -7.10
N ASN F 46 26.45 34.24 -6.67
CA ASN F 46 26.15 33.76 -5.33
C ASN F 46 26.85 34.65 -4.29
N ARG F 47 26.07 35.26 -3.42
CA ARG F 47 26.63 36.11 -2.37
C ARG F 47 25.80 36.01 -1.10
N ALA F 48 25.42 34.78 -0.73
CA ALA F 48 24.59 34.58 0.46
C ALA F 48 25.34 35.01 1.72
N ASN F 49 26.57 34.53 1.88
CA ASN F 49 27.34 34.91 3.06
C ASN F 49 27.83 36.35 2.97
N GLY F 50 28.16 36.82 1.76
CA GLY F 50 28.65 38.17 1.61
C GLY F 50 27.59 39.23 1.85
N LEU F 51 26.31 38.87 1.64
CA LEU F 51 25.21 39.80 1.81
C LEU F 51 24.31 39.45 2.98
N HIS F 52 24.59 38.36 3.70
CA HIS F 52 23.73 37.89 4.78
C HIS F 52 22.29 37.70 4.32
N ASP F 53 22.14 37.20 3.10
CA ASP F 53 20.84 37.02 2.46
C ASP F 53 20.67 35.57 2.04
N PRO F 54 19.73 34.82 2.63
CA PRO F 54 19.53 33.43 2.22
C PRO F 54 19.01 33.27 0.79
N THR F 55 18.59 34.36 0.14
CA THR F 55 18.09 34.31 -1.22
C THR F 55 19.08 34.89 -2.22
N ALA F 56 20.30 35.23 -1.77
CA ALA F 56 21.28 35.91 -2.63
C ALA F 56 21.98 34.92 -3.57
N HIS F 57 21.17 34.26 -4.38
CA HIS F 57 21.66 33.39 -5.43
C HIS F 57 21.88 34.19 -6.71
N ALA F 58 22.62 33.60 -7.65
CA ALA F 58 22.95 34.30 -8.88
C ALA F 58 21.70 34.66 -9.67
N GLU F 59 20.80 33.70 -9.88
CA GLU F 59 19.61 33.95 -10.68
C GLU F 59 18.71 35.01 -10.04
N ILE F 60 18.57 34.98 -8.71
CA ILE F 60 17.68 35.92 -8.04
C ILE F 60 18.25 37.32 -8.09
N MET F 61 19.56 37.48 -7.85
CA MET F 61 20.18 38.79 -7.90
C MET F 61 20.00 39.44 -9.27
N ALA F 62 20.06 38.64 -10.34
CA ALA F 62 19.82 39.20 -11.67
C ALA F 62 18.36 39.60 -11.83
N LEU F 63 17.44 38.77 -11.35
CA LEU F 63 16.02 39.12 -11.42
C LEU F 63 15.70 40.28 -10.49
N ARG F 64 16.34 40.33 -9.31
CA ARG F 64 16.13 41.45 -8.41
C ARG F 64 16.70 42.74 -8.98
N GLN F 65 17.86 42.66 -9.63
CA GLN F 65 18.41 43.85 -10.29
C GLN F 65 17.62 44.17 -11.56
N GLY F 66 17.16 43.14 -12.27
CA GLY F 66 16.36 43.39 -13.46
C GLY F 66 15.05 44.09 -13.14
N GLY F 67 14.41 43.71 -12.04
CA GLY F 67 13.19 44.38 -11.62
C GLY F 67 13.42 45.84 -11.25
N LEU F 68 14.62 46.17 -10.75
CA LEU F 68 14.91 47.55 -10.41
C LEU F 68 15.07 48.41 -11.65
N VAL F 69 15.74 47.90 -12.68
CA VAL F 69 15.91 48.68 -13.91
C VAL F 69 14.59 48.80 -14.65
N MET F 70 13.81 47.72 -14.70
CA MET F 70 12.55 47.72 -15.44
C MET F 70 11.41 48.36 -14.66
N GLN F 71 11.61 48.70 -13.39
CA GLN F 71 10.58 49.29 -12.54
C GLN F 71 9.30 48.46 -12.55
N ASN F 72 9.47 47.13 -12.65
CA ASN F 72 8.31 46.20 -12.69
C ASN F 72 8.80 44.83 -12.21
N TYR F 73 8.08 44.21 -11.28
CA TYR F 73 8.44 42.86 -10.86
C TYR F 73 8.12 41.81 -11.91
N ARG F 74 7.46 42.19 -13.00
CA ARG F 74 7.16 41.30 -14.10
C ARG F 74 8.13 41.59 -15.24
N LEU F 75 8.96 40.61 -15.59
CA LEU F 75 9.98 40.78 -16.61
C LEU F 75 9.62 39.94 -17.84
N TYR F 76 8.59 40.40 -18.55
CA TYR F 76 8.11 39.69 -19.72
C TYR F 76 9.17 39.69 -20.82
N ASP F 77 9.22 38.60 -21.58
CA ASP F 77 10.07 38.46 -22.76
C ASP F 77 11.56 38.57 -22.43
N ALA F 78 11.92 38.41 -21.15
CA ALA F 78 13.32 38.45 -20.76
C ALA F 78 13.91 37.05 -20.74
N THR F 79 15.21 36.96 -21.04
CA THR F 79 15.93 35.70 -21.05
C THR F 79 17.05 35.76 -20.02
N LEU F 80 17.06 34.81 -19.09
CA LEU F 80 18.08 34.75 -18.05
C LEU F 80 19.08 33.67 -18.40
N TYR F 81 20.36 34.05 -18.46
CA TYR F 81 21.46 33.12 -18.71
C TYR F 81 22.16 32.84 -17.40
N SER F 82 22.20 31.57 -17.01
CA SER F 82 22.85 31.14 -15.78
C SER F 82 23.84 30.02 -16.10
N THR F 83 24.93 29.97 -15.35
CA THR F 83 25.91 28.92 -15.55
C THR F 83 25.50 27.59 -14.94
N PHE F 84 24.43 27.56 -14.16
CA PHE F 84 24.00 26.35 -13.46
C PHE F 84 22.48 26.24 -13.52
N GLU F 85 22.00 25.00 -13.43
CA GLU F 85 20.56 24.78 -13.37
C GLU F 85 19.98 25.41 -12.11
N PRO F 86 18.85 26.11 -12.21
CA PRO F 86 18.31 26.81 -11.04
C PRO F 86 17.75 25.83 -10.01
N CYS F 87 17.79 26.27 -8.75
CA CYS F 87 17.22 25.48 -7.67
C CYS F 87 15.72 25.75 -7.59
N VAL F 88 15.07 25.15 -6.58
CA VAL F 88 13.63 25.30 -6.45
C VAL F 88 13.26 26.75 -6.09
N MET F 89 14.14 27.45 -5.37
CA MET F 89 13.85 28.84 -5.03
C MET F 89 14.05 29.78 -6.22
N CYS F 90 15.13 29.60 -6.96
CA CYS F 90 15.40 30.47 -8.10
C CYS F 90 14.42 30.20 -9.24
N ALA F 91 14.13 28.93 -9.51
CA ALA F 91 13.18 28.60 -10.57
C ALA F 91 11.80 29.14 -10.25
N GLY F 92 11.42 29.15 -8.96
CA GLY F 92 10.17 29.75 -8.57
C GLY F 92 10.14 31.26 -8.78
N ALA F 93 11.30 31.91 -8.63
CA ALA F 93 11.38 33.34 -8.89
C ALA F 93 11.22 33.65 -10.38
N MET F 94 11.66 32.72 -11.25
CA MET F 94 11.48 32.91 -12.68
C MET F 94 10.01 32.82 -13.08
N ILE F 95 9.23 32.01 -12.38
CA ILE F 95 7.80 31.92 -12.68
C ILE F 95 7.11 33.23 -12.30
N HIS F 96 7.45 33.79 -11.14
CA HIS F 96 6.82 35.03 -10.71
C HIS F 96 7.31 36.23 -11.51
N SER F 97 8.55 36.17 -12.01
CA SER F 97 9.04 37.22 -12.89
C SER F 97 8.51 37.09 -14.31
N ARG F 98 7.98 35.91 -14.66
CA ARG F 98 7.42 35.65 -15.99
C ARG F 98 8.42 35.90 -17.10
N ILE F 99 9.69 35.55 -16.85
CA ILE F 99 10.70 35.65 -17.89
C ILE F 99 10.39 34.64 -18.99
N GLY F 100 10.87 34.95 -20.20
CA GLY F 100 10.53 34.13 -21.34
C GLY F 100 11.31 32.83 -21.45
N ARG F 101 12.57 32.84 -21.04
CA ARG F 101 13.44 31.70 -21.27
C ARG F 101 14.56 31.70 -20.24
N VAL F 102 14.96 30.51 -19.81
CA VAL F 102 16.14 30.32 -18.98
C VAL F 102 17.16 29.50 -19.76
N VAL F 103 18.42 29.91 -19.69
CA VAL F 103 19.51 29.24 -20.39
C VAL F 103 20.56 28.89 -19.35
N PHE F 104 20.65 27.62 -18.98
CA PHE F 104 21.66 27.15 -18.04
C PHE F 104 22.61 26.19 -18.73
N GLY F 105 23.84 26.13 -18.23
CA GLY F 105 24.89 25.35 -18.86
C GLY F 105 24.84 23.88 -18.51
N VAL F 106 24.91 23.56 -17.21
CA VAL F 106 24.95 22.18 -16.76
C VAL F 106 23.82 21.94 -15.78
N ARG F 107 23.34 20.70 -15.74
CA ARG F 107 22.22 20.34 -14.87
C ARG F 107 22.71 20.10 -13.45
N ASN F 108 21.78 20.24 -12.51
CA ASN F 108 22.02 19.99 -11.09
C ASN F 108 21.27 18.70 -10.75
N ALA F 109 21.94 17.56 -10.93
CA ALA F 109 21.31 16.25 -10.75
C ALA F 109 21.02 15.91 -9.30
N LYS F 110 21.09 16.87 -8.38
CA LYS F 110 20.79 16.63 -6.98
C LYS F 110 19.63 17.48 -6.49
N THR F 111 19.64 18.79 -6.75
CA THR F 111 18.59 19.69 -6.31
C THR F 111 18.03 20.56 -7.44
N GLY F 112 18.39 20.28 -8.68
CA GLY F 112 17.94 21.12 -9.78
C GLY F 112 16.44 21.01 -10.00
N ALA F 113 15.80 22.15 -10.24
CA ALA F 113 14.36 22.22 -10.41
C ALA F 113 13.94 22.64 -11.81
N ALA F 114 14.75 22.29 -12.81
CA ALA F 114 14.44 22.60 -14.20
C ALA F 114 14.49 21.33 -15.06
N GLY F 115 14.23 20.18 -14.46
CA GLY F 115 14.23 18.93 -15.19
C GLY F 115 14.91 17.80 -14.44
N SER F 116 15.82 18.15 -13.53
CA SER F 116 16.59 17.15 -12.80
C SER F 116 15.78 16.53 -11.66
N LEU F 117 15.63 17.26 -10.55
CA LEU F 117 14.80 16.76 -9.45
C LEU F 117 13.32 16.98 -9.72
N MET F 118 12.97 18.05 -10.43
CA MET F 118 11.59 18.32 -10.84
C MET F 118 11.63 19.35 -11.95
N ASP F 119 10.44 19.72 -12.44
CA ASP F 119 10.28 20.74 -13.46
C ASP F 119 9.17 21.68 -13.00
N VAL F 120 9.55 22.72 -12.25
CA VAL F 120 8.55 23.68 -11.79
C VAL F 120 8.24 24.68 -12.91
N LEU F 121 9.19 24.94 -13.80
CA LEU F 121 8.95 25.87 -14.90
C LEU F 121 7.94 25.30 -15.89
N HIS F 122 7.89 23.98 -15.96
CA HIS F 122 6.95 23.30 -16.89
C HIS F 122 5.89 22.55 -16.09
N HIS F 123 5.59 22.97 -14.85
CA HIS F 123 4.52 22.38 -14.06
C HIS F 123 3.16 22.81 -14.61
N PRO F 124 2.22 21.88 -14.75
CA PRO F 124 0.91 22.25 -15.33
C PRO F 124 0.08 23.16 -14.44
N GLY F 125 0.33 23.18 -13.13
CA GLY F 125 -0.41 24.04 -12.24
C GLY F 125 0.10 25.46 -12.14
N MET F 126 1.09 25.82 -12.95
CA MET F 126 1.67 27.16 -12.91
C MET F 126 0.92 28.09 -13.85
N ASN F 127 0.97 29.39 -13.52
CA ASN F 127 0.35 30.41 -14.35
C ASN F 127 1.25 30.87 -15.49
N HIS F 128 2.52 30.48 -15.50
CA HIS F 128 3.45 30.87 -16.54
C HIS F 128 4.34 29.69 -16.89
N ARG F 129 4.74 29.62 -18.16
CA ARG F 129 5.67 28.61 -18.64
C ARG F 129 6.95 29.31 -19.10
N VAL F 130 8.06 28.93 -18.50
CA VAL F 130 9.37 29.46 -18.85
C VAL F 130 10.07 28.44 -19.74
N GLU F 131 10.49 28.89 -20.93
CA GLU F 131 11.18 27.99 -21.84
C GLU F 131 12.57 27.65 -21.32
N ILE F 132 13.01 26.43 -21.60
CA ILE F 132 14.26 25.90 -21.07
C ILE F 132 15.20 25.61 -22.24
N THR F 133 16.43 26.11 -22.14
CA THR F 133 17.49 25.84 -23.10
C THR F 133 18.75 25.46 -22.33
N GLU F 134 19.22 24.23 -22.50
CA GLU F 134 20.36 23.72 -21.76
C GLU F 134 21.47 23.29 -22.70
N GLY F 135 22.68 23.18 -22.15
CA GLY F 135 23.84 22.71 -22.89
C GLY F 135 24.74 23.79 -23.43
N ILE F 136 24.42 25.06 -23.24
CA ILE F 136 25.23 26.15 -23.77
C ILE F 136 26.50 26.28 -22.93
N LEU F 137 27.65 26.10 -23.57
CA LEU F 137 28.96 26.12 -22.91
C LEU F 137 28.98 25.13 -21.75
N ALA F 138 28.52 23.90 -22.01
CA ALA F 138 28.38 22.91 -20.96
C ALA F 138 29.75 22.51 -20.40
N ASP F 139 30.76 22.41 -21.25
CA ASP F 139 32.09 22.00 -20.80
C ASP F 139 32.67 23.04 -19.84
N GLU F 140 32.64 24.31 -20.23
CA GLU F 140 33.11 25.38 -19.36
C GLU F 140 32.26 25.45 -18.09
N CYS F 141 30.96 25.19 -18.21
CA CYS F 141 30.07 25.20 -17.06
C CYS F 141 30.24 23.96 -16.19
N ALA F 142 30.56 22.82 -16.81
CA ALA F 142 30.81 21.62 -16.01
C ALA F 142 32.08 21.75 -15.18
N ALA F 143 33.08 22.46 -15.70
CA ALA F 143 34.29 22.72 -14.93
C ALA F 143 34.01 23.61 -13.73
N LEU F 144 32.95 24.40 -13.77
CA LEU F 144 32.57 25.23 -12.64
C LEU F 144 32.13 24.40 -11.43
N LEU F 145 31.71 23.16 -11.64
CA LEU F 145 31.32 22.30 -10.52
C LEU F 145 32.51 21.99 -9.63
N CYS F 146 33.72 21.93 -10.22
CA CYS F 146 34.94 21.72 -9.46
C CYS F 146 35.74 23.01 -9.29
N ARG F 147 35.09 24.16 -9.41
CA ARG F 147 35.72 25.47 -9.19
C ARG F 147 36.88 25.70 -10.15
N PHE F 148 36.66 25.36 -11.42
CA PHE F 148 37.65 25.55 -12.48
C PHE F 148 37.19 26.67 -13.40
N PHE F 149 38.10 27.61 -13.67
CA PHE F 149 37.83 28.74 -14.55
C PHE F 149 38.82 28.74 -15.71
N ARG F 150 38.37 29.26 -16.85
CA ARG F 150 39.23 29.35 -18.02
C ARG F 150 40.11 30.58 -17.96
N MET F 151 41.35 30.45 -18.40
CA MET F 151 42.29 31.56 -18.41
C MET F 151 43.12 31.57 -19.69
N PHE G 6 21.48 -37.23 44.78
CA PHE G 6 20.78 -36.53 43.72
C PHE G 6 21.02 -35.03 43.81
N SER G 7 21.70 -34.49 42.80
CA SER G 7 22.08 -33.08 42.76
C SER G 7 21.23 -32.33 41.74
N HIS G 8 21.36 -31.00 41.76
CA HIS G 8 20.65 -30.17 40.78
C HIS G 8 21.11 -30.50 39.36
N GLU G 9 22.41 -30.69 39.16
CA GLU G 9 22.92 -31.05 37.84
C GLU G 9 22.47 -32.45 37.44
N TYR G 10 22.23 -33.33 38.41
CA TYR G 10 21.73 -34.66 38.11
C TYR G 10 20.36 -34.60 37.47
N TRP G 11 19.45 -33.83 38.07
CA TRP G 11 18.10 -33.71 37.51
C TRP G 11 18.10 -32.88 36.24
N MET G 12 19.02 -31.91 36.13
CA MET G 12 19.11 -31.12 34.91
C MET G 12 19.50 -31.98 33.72
N ARG G 13 20.38 -32.96 33.93
CA ARG G 13 20.75 -33.87 32.85
C ARG G 13 19.57 -34.71 32.40
N HIS G 14 18.67 -35.07 33.32
CA HIS G 14 17.47 -35.80 32.93
C HIS G 14 16.54 -34.92 32.11
N ALA G 15 16.44 -33.63 32.45
CA ALA G 15 15.61 -32.72 31.68
C ALA G 15 16.22 -32.46 30.30
N LEU G 16 17.55 -32.42 30.21
CA LEU G 16 18.19 -32.19 28.92
C LEU G 16 17.96 -33.35 27.97
N THR G 17 17.94 -34.58 28.50
CA THR G 17 17.66 -35.73 27.64
C THR G 17 16.23 -35.69 27.13
N LEU G 18 15.27 -35.30 27.99
CA LEU G 18 13.88 -35.22 27.56
C LEU G 18 13.68 -34.14 26.51
N ALA G 19 14.54 -33.12 26.51
CA ALA G 19 14.42 -32.04 25.52
C ALA G 19 14.69 -32.53 24.10
N LYS G 20 15.41 -33.64 23.95
CA LYS G 20 15.67 -34.19 22.62
C LYS G 20 14.39 -34.68 21.94
N ARG G 21 13.34 -34.96 22.71
CA ARG G 21 12.08 -35.39 22.13
C ARG G 21 11.34 -34.26 21.43
N ALA G 22 11.60 -33.01 21.82
CA ALA G 22 10.96 -31.85 21.23
C ALA G 22 11.70 -31.31 20.02
N ARG G 23 12.44 -32.16 19.31
CA ARG G 23 13.25 -31.70 18.18
C ARG G 23 12.38 -31.27 17.00
N ASP G 24 11.21 -31.89 16.83
CA ASP G 24 10.33 -31.59 15.71
C ASP G 24 9.27 -30.54 16.05
N GLU G 25 9.58 -29.61 16.94
CA GLU G 25 8.65 -28.56 17.31
C GLU G 25 9.23 -27.19 16.95
N ARG G 26 8.34 -26.28 16.56
CA ARG G 26 8.76 -24.93 16.20
C ARG G 26 9.19 -24.18 17.45
N GLY G 27 10.50 -23.94 17.58
CA GLY G 27 11.03 -23.23 18.71
C GLY G 27 12.16 -23.99 19.38
N VAL G 28 12.63 -23.43 20.48
CA VAL G 28 13.72 -24.05 21.24
C VAL G 28 13.22 -25.33 21.90
N PRO G 29 13.94 -26.45 21.81
CA PRO G 29 13.51 -27.66 22.52
C PRO G 29 13.67 -27.50 24.01
N VAL G 30 12.60 -27.75 24.75
CA VAL G 30 12.59 -27.61 26.20
C VAL G 30 12.23 -28.96 26.82
N GLY G 31 12.96 -29.33 27.85
CA GLY G 31 12.67 -30.54 28.60
C GLY G 31 12.51 -30.23 30.07
N ALA G 32 11.51 -30.86 30.70
CA ALA G 32 11.19 -30.58 32.09
C ALA G 32 10.95 -31.88 32.83
N VAL G 33 11.30 -31.88 34.12
CA VAL G 33 11.08 -33.02 35.01
C VAL G 33 10.66 -32.48 36.37
N LEU G 34 9.62 -33.09 36.94
CA LEU G 34 9.07 -32.69 38.23
C LEU G 34 9.51 -33.70 39.28
N VAL G 35 10.15 -33.22 40.34
CA VAL G 35 10.75 -34.07 41.37
C VAL G 35 10.14 -33.72 42.71
N LEU G 36 9.72 -34.75 43.45
CA LEU G 36 9.24 -34.61 44.81
C LEU G 36 9.91 -35.67 45.68
N ASN G 37 10.69 -35.23 46.66
CA ASN G 37 11.43 -36.11 47.56
C ASN G 37 12.37 -37.03 46.77
N ASN G 38 13.14 -36.42 45.86
CA ASN G 38 14.14 -37.13 45.05
C ASN G 38 13.52 -38.28 44.24
N ARG G 39 12.28 -38.11 43.82
CA ARG G 39 11.58 -39.12 43.02
C ARG G 39 10.87 -38.43 41.87
N VAL G 40 10.92 -39.04 40.69
CA VAL G 40 10.29 -38.47 39.51
C VAL G 40 8.78 -38.69 39.60
N ILE G 41 8.03 -37.60 39.64
CA ILE G 41 6.57 -37.65 39.61
C ILE G 41 5.99 -37.02 38.34
N GLY G 42 6.80 -36.32 37.55
CA GLY G 42 6.32 -35.70 36.34
C GLY G 42 7.42 -35.41 35.34
N GLU G 43 7.14 -35.68 34.07
CA GLU G 43 8.08 -35.41 32.98
C GLU G 43 7.35 -34.72 31.83
N GLY G 44 8.10 -33.94 31.06
CA GLY G 44 7.49 -33.23 29.95
C GLY G 44 8.47 -32.56 29.01
N TRP G 45 8.06 -32.41 27.75
CA TRP G 45 8.80 -31.68 26.74
C TRP G 45 7.81 -30.90 25.89
N ASN G 46 8.35 -30.03 25.04
CA ASN G 46 7.50 -29.22 24.16
C ASN G 46 6.83 -30.12 23.12
N ARG G 47 5.50 -30.13 23.11
CA ARG G 47 4.75 -30.92 22.16
C ARG G 47 3.46 -30.20 21.77
N ALA G 48 3.56 -28.90 21.51
CA ALA G 48 2.37 -28.13 21.17
C ALA G 48 1.77 -28.61 19.84
N ASN G 49 2.61 -28.74 18.81
CA ASN G 49 2.10 -29.21 17.52
C ASN G 49 1.79 -30.70 17.56
N GLY G 50 2.57 -31.48 18.32
CA GLY G 50 2.34 -32.92 18.36
C GLY G 50 1.06 -33.31 19.08
N LEU G 51 0.59 -32.46 19.99
CA LEU G 51 -0.61 -32.73 20.77
C LEU G 51 -1.78 -31.82 20.42
N HIS G 52 -1.58 -30.88 19.50
CA HIS G 52 -2.61 -29.89 19.15
C HIS G 52 -3.09 -29.13 20.38
N ASP G 53 -2.15 -28.84 21.29
CA ASP G 53 -2.47 -28.18 22.55
C ASP G 53 -1.60 -26.94 22.68
N PRO G 54 -2.20 -25.74 22.69
CA PRO G 54 -1.39 -24.52 22.86
C PRO G 54 -0.73 -24.41 24.23
N THR G 55 -1.09 -25.26 25.19
CA THR G 55 -0.50 -25.25 26.52
C THR G 55 0.48 -26.40 26.73
N ALA G 56 0.77 -27.18 25.69
CA ALA G 56 1.61 -28.38 25.82
C ALA G 56 3.09 -28.01 25.86
N HIS G 57 3.44 -27.20 26.85
CA HIS G 57 4.83 -26.85 27.11
C HIS G 57 5.48 -27.91 28.00
N ALA G 58 6.82 -27.87 28.04
CA ALA G 58 7.56 -28.85 28.83
C ALA G 58 7.16 -28.79 30.30
N GLU G 59 7.17 -27.58 30.87
CA GLU G 59 6.83 -27.43 32.29
C GLU G 59 5.40 -27.85 32.56
N ILE G 60 4.47 -27.54 31.65
CA ILE G 60 3.07 -27.86 31.86
C ILE G 60 2.85 -29.37 31.79
N MET G 61 3.45 -30.03 30.79
CA MET G 61 3.32 -31.48 30.68
C MET G 61 3.86 -32.17 31.93
N ALA G 62 4.96 -31.65 32.49
CA ALA G 62 5.49 -32.19 33.73
C ALA G 62 4.58 -31.89 34.90
N LEU G 63 4.03 -30.66 34.95
CA LEU G 63 3.12 -30.30 36.04
C LEU G 63 1.82 -31.07 35.94
N ARG G 64 1.35 -31.34 34.72
CA ARG G 64 0.13 -32.14 34.55
C ARG G 64 0.38 -33.58 34.96
N GLN G 65 1.53 -34.14 34.59
CA GLN G 65 1.83 -35.52 34.98
C GLN G 65 2.05 -35.64 36.48
N GLY G 66 2.64 -34.61 37.09
CA GLY G 66 2.82 -34.63 38.54
C GLY G 66 1.51 -34.59 39.29
N GLY G 67 0.57 -33.75 38.83
CA GLY G 67 -0.74 -33.69 39.46
C GLY G 67 -1.53 -34.97 39.33
N LEU G 68 -1.34 -35.69 38.21
CA LEU G 68 -2.03 -36.97 38.03
C LEU G 68 -1.46 -38.03 38.95
N VAL G 69 -0.14 -38.05 39.10
CA VAL G 69 0.50 -39.07 39.95
C VAL G 69 0.15 -38.83 41.41
N MET G 70 0.19 -37.57 41.85
CA MET G 70 -0.12 -37.24 43.25
C MET G 70 -1.60 -37.13 43.52
N GLN G 71 -2.45 -37.21 42.50
CA GLN G 71 -3.91 -37.08 42.64
C GLN G 71 -4.28 -35.78 43.35
N ASN G 72 -3.59 -34.70 42.99
CA ASN G 72 -3.83 -33.41 43.61
C ASN G 72 -3.25 -32.32 42.71
N TYR G 73 -4.06 -31.32 42.39
CA TYR G 73 -3.59 -30.21 41.57
C TYR G 73 -2.62 -29.31 42.32
N ARG G 74 -2.45 -29.51 43.63
CA ARG G 74 -1.50 -28.76 44.43
C ARG G 74 -0.30 -29.67 44.69
N LEU G 75 0.86 -29.29 44.20
CA LEU G 75 2.09 -30.09 44.32
C LEU G 75 3.07 -29.37 45.24
N TYR G 76 2.76 -29.40 46.54
CA TYR G 76 3.57 -28.73 47.53
C TYR G 76 4.96 -29.36 47.63
N ASP G 77 5.96 -28.52 47.91
CA ASP G 77 7.33 -28.93 48.18
C ASP G 77 7.97 -29.65 47.00
N ALA G 78 7.42 -29.51 45.80
CA ALA G 78 7.99 -30.14 44.61
C ALA G 78 8.93 -29.17 43.91
N THR G 79 9.94 -29.74 43.25
CA THR G 79 10.94 -28.97 42.51
C THR G 79 10.86 -29.34 41.04
N LEU G 80 10.65 -28.34 40.19
CA LEU G 80 10.55 -28.55 38.75
C LEU G 80 11.84 -28.11 38.08
N TYR G 81 12.45 -29.02 37.33
CA TYR G 81 13.69 -28.75 36.60
C TYR G 81 13.36 -28.58 35.12
N SER G 82 13.69 -27.41 34.56
CA SER G 82 13.47 -27.12 33.16
C SER G 82 14.78 -26.64 32.54
N THR G 83 14.98 -26.98 31.26
CA THR G 83 16.18 -26.52 30.56
C THR G 83 16.09 -25.07 30.12
N PHE G 84 14.92 -24.43 30.27
CA PHE G 84 14.71 -23.08 29.80
C PHE G 84 13.92 -22.30 30.84
N GLU G 85 14.09 -20.99 30.82
CA GLU G 85 13.32 -20.13 31.70
C GLU G 85 11.84 -20.22 31.35
N PRO G 86 10.95 -20.32 32.34
CA PRO G 86 9.53 -20.50 32.03
C PRO G 86 8.93 -19.22 31.46
N CYS G 87 7.90 -19.41 30.62
CA CYS G 87 7.19 -18.30 30.02
C CYS G 87 6.12 -17.78 30.99
N VAL G 88 5.33 -16.81 30.52
CA VAL G 88 4.30 -16.23 31.37
C VAL G 88 3.22 -17.25 31.69
N MET G 89 2.94 -18.18 30.77
CA MET G 89 1.94 -19.20 31.04
C MET G 89 2.47 -20.27 31.99
N CYS G 90 3.71 -20.71 31.79
CA CYS G 90 4.28 -21.74 32.66
C CYS G 90 4.53 -21.19 34.06
N ALA G 91 5.02 -19.96 34.17
CA ALA G 91 5.25 -19.36 35.48
C ALA G 91 3.94 -19.22 36.25
N GLY G 92 2.85 -18.91 35.54
CA GLY G 92 1.55 -18.85 36.19
C GLY G 92 1.06 -20.22 36.63
N ALA G 93 1.41 -21.27 35.88
CA ALA G 93 1.03 -22.61 36.29
C ALA G 93 1.80 -23.07 37.52
N MET G 94 3.04 -22.61 37.69
CA MET G 94 3.81 -22.98 38.88
C MET G 94 3.25 -22.33 40.14
N ILE G 95 2.69 -21.12 40.01
CA ILE G 95 2.07 -20.47 41.16
C ILE G 95 0.81 -21.21 41.58
N HIS G 96 -0.01 -21.64 40.61
CA HIS G 96 -1.23 -22.36 40.93
C HIS G 96 -0.93 -23.79 41.36
N SER G 97 0.19 -24.37 40.93
CA SER G 97 0.59 -25.70 41.37
C SER G 97 1.18 -25.69 42.77
N ARG G 98 1.57 -24.52 43.28
CA ARG G 98 2.19 -24.39 44.60
C ARG G 98 3.47 -25.22 44.72
N ILE G 99 4.22 -25.34 43.61
CA ILE G 99 5.49 -26.04 43.68
C ILE G 99 6.48 -25.23 44.51
N GLY G 100 7.46 -25.94 45.08
CA GLY G 100 8.38 -25.30 45.99
C GLY G 100 9.49 -24.51 45.32
N ARG G 101 9.97 -25.01 44.18
CA ARG G 101 11.14 -24.41 43.55
C ARG G 101 11.13 -24.72 42.07
N VAL G 102 11.62 -23.78 41.27
CA VAL G 102 11.88 -23.99 39.84
C VAL G 102 13.36 -23.82 39.60
N VAL G 103 13.93 -24.74 38.81
CA VAL G 103 15.35 -24.73 38.48
C VAL G 103 15.47 -24.75 36.96
N PHE G 104 15.82 -23.61 36.37
CA PHE G 104 16.02 -23.53 34.93
C PHE G 104 17.48 -23.21 34.62
N GLY G 105 17.93 -23.66 33.45
CA GLY G 105 19.32 -23.54 33.07
C GLY G 105 19.70 -22.18 32.51
N VAL G 106 19.03 -21.75 31.45
CA VAL G 106 19.36 -20.50 30.78
C VAL G 106 18.11 -19.62 30.74
N ARG G 107 18.34 -18.31 30.73
CA ARG G 107 17.25 -17.35 30.74
C ARG G 107 16.67 -17.17 29.35
N ASN G 108 15.42 -16.72 29.31
CA ASN G 108 14.70 -16.40 28.08
C ASN G 108 14.62 -14.88 28.03
N ALA G 109 15.63 -14.26 27.43
CA ALA G 109 15.74 -12.80 27.41
C ALA G 109 14.72 -12.13 26.51
N LYS G 110 13.68 -12.83 26.05
CA LYS G 110 12.66 -12.23 25.21
C LYS G 110 11.28 -12.28 25.84
N THR G 111 10.86 -13.45 26.33
CA THR G 111 9.53 -13.61 26.93
C THR G 111 9.57 -14.29 28.29
N GLY G 112 10.75 -14.43 28.90
CA GLY G 112 10.85 -15.14 30.16
C GLY G 112 10.17 -14.37 31.28
N ALA G 113 9.46 -15.10 32.15
CA ALA G 113 8.69 -14.51 33.23
C ALA G 113 9.25 -14.90 34.60
N ALA G 114 10.57 -15.10 34.68
CA ALA G 114 11.22 -15.42 35.95
C ALA G 114 12.40 -14.47 36.21
N GLY G 115 12.31 -13.25 35.68
CA GLY G 115 13.36 -12.27 35.90
C GLY G 115 13.73 -11.48 34.66
N SER G 116 13.49 -12.05 33.48
CA SER G 116 13.88 -11.41 32.23
C SER G 116 12.89 -10.32 31.85
N LEU G 117 11.74 -10.72 31.31
CA LEU G 117 10.70 -9.75 30.96
C LEU G 117 9.88 -9.34 32.18
N MET G 118 9.72 -10.25 33.13
CA MET G 118 9.02 -9.96 34.38
C MET G 118 9.38 -11.03 35.40
N ASP G 119 8.81 -10.93 36.58
CA ASP G 119 9.01 -11.89 37.66
C ASP G 119 7.63 -12.27 38.20
N VAL G 120 7.05 -13.31 37.61
CA VAL G 120 5.74 -13.77 38.06
C VAL G 120 5.86 -14.61 39.32
N LEU G 121 6.96 -15.34 39.46
CA LEU G 121 7.15 -16.18 40.64
C LEU G 121 7.35 -15.35 41.90
N HIS G 122 7.84 -14.13 41.75
CA HIS G 122 8.13 -13.29 42.94
C HIS G 122 7.28 -12.02 42.92
N HIS G 123 6.20 -11.97 42.15
CA HIS G 123 5.30 -10.84 42.16
C HIS G 123 4.48 -10.77 43.44
N PRO G 124 4.38 -9.59 44.08
CA PRO G 124 3.74 -9.53 45.41
C PRO G 124 2.24 -9.78 45.42
N GLY G 125 1.55 -9.67 44.29
CA GLY G 125 0.15 -9.98 44.24
C GLY G 125 -0.18 -11.45 44.05
N MET G 126 0.80 -12.34 44.10
CA MET G 126 0.64 -13.77 43.86
C MET G 126 0.28 -14.48 45.16
N ASN G 127 -0.38 -15.64 45.04
CA ASN G 127 -0.68 -16.33 46.29
C ASN G 127 0.50 -17.17 46.78
N HIS G 128 1.49 -17.37 45.91
CA HIS G 128 2.66 -18.23 46.26
C HIS G 128 3.94 -17.60 45.74
N ARG G 129 5.04 -17.78 46.46
CA ARG G 129 6.36 -17.38 46.01
C ARG G 129 7.13 -18.66 45.71
N VAL G 130 7.56 -18.81 44.46
CA VAL G 130 8.31 -19.98 44.01
C VAL G 130 9.79 -19.62 43.97
N GLU G 131 10.61 -20.43 44.64
CA GLU G 131 12.04 -20.19 44.68
C GLU G 131 12.66 -20.40 43.31
N ILE G 132 13.68 -19.59 43.01
CA ILE G 132 14.32 -19.57 41.70
C ILE G 132 15.78 -19.99 41.86
N THR G 133 16.21 -20.94 41.04
CA THR G 133 17.61 -21.36 40.96
C THR G 133 17.98 -21.46 39.50
N GLU G 134 18.92 -20.62 39.06
CA GLU G 134 19.31 -20.56 37.66
C GLU G 134 20.79 -20.84 37.50
N GLY G 135 21.18 -21.22 36.28
CA GLY G 135 22.56 -21.46 35.94
C GLY G 135 23.01 -22.91 35.98
N ILE G 136 22.12 -23.84 36.34
CA ILE G 136 22.52 -25.24 36.45
C ILE G 136 22.70 -25.82 35.05
N LEU G 137 23.92 -26.27 34.77
CA LEU G 137 24.30 -26.78 33.44
C LEU G 137 23.98 -25.75 32.35
N ALA G 138 24.41 -24.51 32.61
CA ALA G 138 24.07 -23.40 31.70
C ALA G 138 24.72 -23.57 30.33
N ASP G 139 25.96 -24.07 30.29
CA ASP G 139 26.66 -24.22 29.02
C ASP G 139 25.96 -25.21 28.12
N GLU G 140 25.46 -26.31 28.69
CA GLU G 140 24.70 -27.28 27.91
C GLU G 140 23.30 -26.78 27.57
N CYS G 141 22.67 -26.03 28.47
CA CYS G 141 21.33 -25.51 28.19
C CYS G 141 21.37 -24.36 27.18
N ALA G 142 22.44 -23.57 27.17
CA ALA G 142 22.56 -22.51 26.19
C ALA G 142 22.74 -23.06 24.78
N ALA G 143 23.43 -24.19 24.65
CA ALA G 143 23.57 -24.83 23.35
C ALA G 143 22.24 -25.38 22.84
N LEU G 144 21.31 -25.67 23.74
CA LEU G 144 19.97 -26.12 23.34
C LEU G 144 19.19 -25.02 22.63
N LEU G 145 19.54 -23.75 22.87
CA LEU G 145 18.86 -22.65 22.20
C LEU G 145 19.11 -22.67 20.70
N CYS G 146 20.26 -23.16 20.26
CA CYS G 146 20.58 -23.29 18.85
C CYS G 146 20.47 -24.72 18.36
N ARG G 147 19.70 -25.57 19.07
CA ARG G 147 19.44 -26.95 18.66
C ARG G 147 20.73 -27.77 18.59
N PHE G 148 21.60 -27.57 19.56
CA PHE G 148 22.86 -28.29 19.68
C PHE G 148 22.76 -29.24 20.87
N PHE G 149 23.14 -30.50 20.67
CA PHE G 149 23.04 -31.50 21.70
C PHE G 149 24.41 -32.07 22.06
N ARG G 150 24.49 -32.57 23.28
CA ARG G 150 25.79 -33.07 23.77
C ARG G 150 25.92 -34.55 23.48
N MET G 151 27.14 -34.95 23.23
CA MET G 151 27.52 -36.34 22.92
C MET G 151 28.81 -36.74 23.62
N VAL H 4 -26.26 -14.77 9.87
CA VAL H 4 -26.04 -13.55 10.65
C VAL H 4 -25.17 -13.86 11.86
N GLU H 5 -24.17 -13.00 12.10
CA GLU H 5 -23.23 -13.23 13.18
C GLU H 5 -23.89 -13.04 14.53
N PHE H 6 -23.56 -13.92 15.48
CA PHE H 6 -24.07 -13.79 16.84
C PHE H 6 -23.37 -12.62 17.55
N SER H 7 -23.86 -12.30 18.74
CA SER H 7 -23.37 -11.16 19.49
C SER H 7 -22.53 -11.62 20.68
N HIS H 8 -21.86 -10.64 21.29
CA HIS H 8 -21.06 -10.93 22.48
C HIS H 8 -21.93 -11.42 23.62
N GLU H 9 -23.08 -10.78 23.83
CA GLU H 9 -23.98 -11.18 24.91
C GLU H 9 -24.55 -12.58 24.67
N TYR H 10 -24.68 -12.99 23.40
CA TYR H 10 -25.15 -14.33 23.10
C TYR H 10 -24.15 -15.38 23.60
N TRP H 11 -22.88 -15.19 23.28
CA TRP H 11 -21.85 -16.13 23.73
C TRP H 11 -21.58 -15.99 25.23
N MET H 12 -21.75 -14.79 25.78
CA MET H 12 -21.54 -14.60 27.21
C MET H 12 -22.56 -15.39 28.01
N ARG H 13 -23.81 -15.46 27.53
CA ARG H 13 -24.81 -16.28 28.21
C ARG H 13 -24.43 -17.75 28.16
N HIS H 14 -23.78 -18.19 27.07
CA HIS H 14 -23.30 -19.56 27.00
C HIS H 14 -22.18 -19.80 28.01
N ALA H 15 -21.31 -18.81 28.20
CA ALA H 15 -20.24 -18.95 29.19
C ALA H 15 -20.79 -18.95 30.61
N LEU H 16 -21.86 -18.19 30.86
CA LEU H 16 -22.44 -18.17 32.21
C LEU H 16 -23.04 -19.53 32.56
N THR H 17 -23.66 -20.21 31.60
CA THR H 17 -24.22 -21.53 31.87
C THR H 17 -23.12 -22.54 32.18
N LEU H 18 -22.01 -22.49 31.42
CA LEU H 18 -20.91 -23.42 31.68
C LEU H 18 -20.27 -23.17 33.04
N ALA H 19 -20.34 -21.94 33.55
CA ALA H 19 -19.79 -21.62 34.85
C ALA H 19 -20.51 -22.35 35.98
N LYS H 20 -21.75 -22.77 35.76
CA LYS H 20 -22.49 -23.51 36.78
C LYS H 20 -21.87 -24.87 37.07
N ARG H 21 -21.14 -25.44 36.12
CA ARG H 21 -20.44 -26.70 36.33
C ARG H 21 -19.16 -26.54 37.15
N ALA H 22 -18.81 -25.33 37.55
CA ALA H 22 -17.64 -25.06 38.36
C ALA H 22 -18.01 -24.56 39.75
N ARG H 23 -19.20 -24.91 40.23
CA ARG H 23 -19.66 -24.42 41.53
C ARG H 23 -18.91 -25.06 42.68
N ASP H 24 -18.44 -26.30 42.52
CA ASP H 24 -17.75 -27.03 43.57
C ASP H 24 -16.24 -26.86 43.52
N GLU H 25 -15.75 -25.71 43.05
CA GLU H 25 -14.33 -25.43 42.96
C GLU H 25 -13.97 -24.25 43.84
N ARG H 26 -12.77 -24.30 44.41
CA ARG H 26 -12.29 -23.22 45.27
C ARG H 26 -12.00 -21.98 44.42
N GLY H 27 -12.85 -20.96 44.55
CA GLY H 27 -12.68 -19.72 43.83
C GLY H 27 -13.94 -19.33 43.09
N VAL H 28 -13.83 -18.23 42.35
CA VAL H 28 -14.98 -17.72 41.58
C VAL H 28 -15.28 -18.68 40.44
N PRO H 29 -16.54 -19.05 40.21
CA PRO H 29 -16.86 -19.92 39.07
C PRO H 29 -16.68 -19.17 37.76
N VAL H 30 -15.89 -19.76 36.86
CA VAL H 30 -15.59 -19.18 35.57
C VAL H 30 -16.07 -20.13 34.48
N GLY H 31 -16.70 -19.58 33.47
CA GLY H 31 -17.13 -20.34 32.30
C GLY H 31 -16.57 -19.71 31.04
N ALA H 32 -16.10 -20.55 30.12
CA ALA H 32 -15.47 -20.07 28.90
C ALA H 32 -15.98 -20.85 27.70
N VAL H 33 -16.06 -20.15 26.57
CA VAL H 33 -16.44 -20.75 25.30
C VAL H 33 -15.59 -20.12 24.21
N LEU H 34 -15.04 -20.96 23.32
CA LEU H 34 -14.17 -20.51 22.24
C LEU H 34 -14.94 -20.56 20.93
N VAL H 35 -15.01 -19.42 20.24
CA VAL H 35 -15.81 -19.27 19.04
C VAL H 35 -14.90 -18.84 17.89
N LEU H 36 -15.01 -19.53 16.76
CA LEU H 36 -14.32 -19.18 15.53
C LEU H 36 -15.30 -19.24 14.38
N ASN H 37 -15.51 -18.12 13.70
CA ASN H 37 -16.45 -18.02 12.57
C ASN H 37 -17.86 -18.41 12.99
N ASN H 38 -18.31 -17.83 14.11
CA ASN H 38 -19.66 -18.05 14.63
C ASN H 38 -19.96 -19.52 14.90
N ARG H 39 -18.94 -20.28 15.28
CA ARG H 39 -19.09 -21.69 15.59
C ARG H 39 -18.32 -22.02 16.85
N VAL H 40 -18.92 -22.85 17.71
CA VAL H 40 -18.30 -23.25 18.96
C VAL H 40 -17.21 -24.28 18.66
N ILE H 41 -15.96 -23.95 19.00
CA ILE H 41 -14.85 -24.87 18.87
C ILE H 41 -14.26 -25.28 20.21
N GLY H 42 -14.65 -24.64 21.30
CA GLY H 42 -14.12 -24.97 22.60
C GLY H 42 -15.01 -24.54 23.75
N GLU H 43 -15.14 -25.39 24.77
CA GLU H 43 -15.91 -25.08 25.96
C GLU H 43 -15.08 -25.42 27.19
N GLY H 44 -15.36 -24.73 28.29
CA GLY H 44 -14.60 -24.97 29.51
C GLY H 44 -15.14 -24.30 30.75
N TRP H 45 -14.86 -24.92 31.90
CA TRP H 45 -15.20 -24.36 33.21
C TRP H 45 -14.05 -24.68 34.16
N ASN H 46 -14.10 -24.08 35.34
CA ASN H 46 -13.07 -24.32 36.35
C ASN H 46 -13.18 -25.75 36.86
N ARG H 47 -12.12 -26.54 36.67
CA ARG H 47 -12.12 -27.91 37.13
C ARG H 47 -10.72 -28.34 37.57
N ALA H 48 -10.05 -27.47 38.33
CA ALA H 48 -8.69 -27.78 38.77
C ALA H 48 -8.68 -28.99 39.71
N ASN H 49 -9.55 -28.98 40.72
CA ASN H 49 -9.59 -30.09 41.67
C ASN H 49 -10.25 -31.32 41.05
N GLY H 50 -11.24 -31.14 40.18
CA GLY H 50 -11.93 -32.27 39.59
C GLY H 50 -11.09 -33.08 38.62
N LEU H 51 -10.07 -32.45 38.03
CA LEU H 51 -9.21 -33.11 37.06
C LEU H 51 -7.80 -33.33 37.58
N HIS H 52 -7.51 -32.88 38.80
CA HIS H 52 -6.15 -32.94 39.37
C HIS H 52 -5.15 -32.26 38.44
N ASP H 53 -5.57 -31.16 37.84
CA ASP H 53 -4.75 -30.41 36.88
C ASP H 53 -4.67 -28.97 37.36
N PRO H 54 -3.48 -28.49 37.76
CA PRO H 54 -3.37 -27.09 38.20
C PRO H 54 -3.62 -26.08 37.10
N THR H 55 -3.71 -26.51 35.84
CA THR H 55 -3.98 -25.63 34.72
C THR H 55 -5.40 -25.76 34.20
N ALA H 56 -6.24 -26.54 34.89
CA ALA H 56 -7.61 -26.83 34.43
C ALA H 56 -8.54 -25.66 34.76
N HIS H 57 -8.19 -24.50 34.22
CA HIS H 57 -9.04 -23.32 34.32
C HIS H 57 -10.04 -23.30 33.17
N ALA H 58 -11.07 -22.45 33.32
CA ALA H 58 -12.11 -22.37 32.32
C ALA H 58 -11.57 -21.96 30.96
N GLU H 59 -10.76 -20.89 30.93
CA GLU H 59 -10.21 -20.41 29.67
C GLU H 59 -9.29 -21.44 29.03
N ILE H 60 -8.49 -22.15 29.84
CA ILE H 60 -7.56 -23.11 29.30
C ILE H 60 -8.31 -24.33 28.75
N MET H 61 -9.32 -24.81 29.47
CA MET H 61 -10.11 -25.94 29.00
C MET H 61 -10.74 -25.64 27.65
N ALA H 62 -11.20 -24.40 27.45
CA ALA H 62 -11.76 -24.02 26.15
C ALA H 62 -10.69 -23.94 25.07
N LEU H 63 -9.51 -23.39 25.42
CA LEU H 63 -8.43 -23.32 24.45
C LEU H 63 -7.89 -24.71 24.11
N ARG H 64 -7.83 -25.58 25.11
CA ARG H 64 -7.36 -26.94 24.86
C ARG H 64 -8.34 -27.72 23.99
N GLN H 65 -9.63 -27.56 24.23
CA GLN H 65 -10.63 -28.21 23.39
C GLN H 65 -10.61 -27.65 21.98
N GLY H 66 -10.35 -26.35 21.84
CA GLY H 66 -10.29 -25.76 20.51
C GLY H 66 -9.17 -26.33 19.66
N GLY H 67 -8.01 -26.56 20.27
CA GLY H 67 -6.91 -27.18 19.54
C GLY H 67 -7.23 -28.60 19.09
N LEU H 68 -8.03 -29.33 19.87
CA LEU H 68 -8.41 -30.68 19.48
C LEU H 68 -9.40 -30.67 18.31
N VAL H 69 -10.37 -29.76 18.35
CA VAL H 69 -11.35 -29.69 17.27
C VAL H 69 -10.71 -29.17 15.98
N MET H 70 -9.86 -28.15 16.10
CA MET H 70 -9.22 -27.57 14.93
C MET H 70 -8.01 -28.37 14.45
N GLN H 71 -7.59 -29.38 15.22
CA GLN H 71 -6.41 -30.18 14.88
C GLN H 71 -5.20 -29.30 14.62
N ASN H 72 -5.05 -28.27 15.45
CA ASN H 72 -3.96 -27.30 15.31
C ASN H 72 -3.85 -26.54 16.62
N TYR H 73 -2.62 -26.48 17.16
CA TYR H 73 -2.41 -25.76 18.41
C TYR H 73 -2.48 -24.25 18.25
N ARG H 74 -2.56 -23.74 17.02
CA ARG H 74 -2.70 -22.32 16.77
C ARG H 74 -4.14 -22.01 16.39
N LEU H 75 -4.81 -21.21 17.21
CA LEU H 75 -6.22 -20.87 16.99
C LEU H 75 -6.34 -19.40 16.61
N TYR H 76 -5.88 -19.09 15.39
CA TYR H 76 -5.90 -17.72 14.91
C TYR H 76 -7.33 -17.23 14.70
N ASP H 77 -7.53 -15.93 14.92
CA ASP H 77 -8.79 -15.24 14.66
C ASP H 77 -9.95 -15.80 15.48
N ALA H 78 -9.65 -16.53 16.54
CA ALA H 78 -10.68 -17.07 17.43
C ALA H 78 -10.93 -16.10 18.58
N THR H 79 -12.16 -16.11 19.08
CA THR H 79 -12.57 -15.27 20.19
C THR H 79 -12.97 -16.15 21.36
N LEU H 80 -12.40 -15.87 22.54
N LEU H 80 -12.41 -15.86 22.54
CA LEU H 80 -12.69 -16.62 23.75
CA LEU H 80 -12.68 -16.62 23.75
C LEU H 80 -13.55 -15.77 24.67
C LEU H 80 -13.54 -15.77 24.69
N TYR H 81 -14.76 -16.23 24.95
CA TYR H 81 -15.66 -15.54 25.86
C TYR H 81 -15.53 -16.19 27.24
N SER H 82 -15.15 -15.39 28.23
CA SER H 82 -14.99 -15.86 29.60
C SER H 82 -15.80 -14.96 30.53
N THR H 83 -16.34 -15.54 31.59
CA THR H 83 -17.09 -14.76 32.56
C THR H 83 -16.20 -13.96 33.50
N PHE H 84 -14.90 -14.18 33.47
CA PHE H 84 -13.97 -13.54 34.39
C PHE H 84 -12.72 -13.12 33.62
N GLU H 85 -12.05 -12.10 34.14
CA GLU H 85 -10.78 -11.69 33.57
C GLU H 85 -9.76 -12.82 33.74
N PRO H 86 -8.97 -13.14 32.72
CA PRO H 86 -8.04 -14.27 32.84
C PRO H 86 -6.88 -13.94 33.78
N CYS H 87 -6.36 -14.99 34.40
CA CYS H 87 -5.22 -14.87 35.29
C CYS H 87 -3.91 -14.88 34.50
N VAL H 88 -2.79 -14.88 35.22
CA VAL H 88 -1.49 -14.84 34.58
C VAL H 88 -1.22 -16.11 33.78
N MET H 89 -1.71 -17.25 34.26
CA MET H 89 -1.48 -18.50 33.54
C MET H 89 -2.36 -18.58 32.30
N CYS H 90 -3.63 -18.18 32.42
CA CYS H 90 -4.54 -18.22 31.29
C CYS H 90 -4.15 -17.20 30.22
N ALA H 91 -3.76 -16.00 30.64
CA ALA H 91 -3.39 -14.97 29.67
C ALA H 91 -2.20 -15.41 28.82
N GLY H 92 -1.27 -16.16 29.41
CA GLY H 92 -0.17 -16.69 28.62
C GLY H 92 -0.62 -17.71 27.60
N ALA H 93 -1.68 -18.46 27.91
CA ALA H 93 -2.21 -19.43 26.96
C ALA H 93 -2.86 -18.73 25.77
N MET H 94 -3.45 -17.55 25.98
CA MET H 94 -4.04 -16.81 24.87
C MET H 94 -2.97 -16.29 23.92
N ILE H 95 -1.81 -15.92 24.45
CA ILE H 95 -0.71 -15.47 23.59
C ILE H 95 -0.16 -16.63 22.76
N HIS H 96 0.03 -17.78 23.38
CA HIS H 96 0.58 -18.93 22.65
C HIS H 96 -0.43 -19.53 21.70
N SER H 97 -1.72 -19.43 22.00
CA SER H 97 -2.75 -19.87 21.07
C SER H 97 -2.97 -18.88 19.93
N ARG H 98 -2.50 -17.64 20.10
CA ARG H 98 -2.65 -16.59 19.09
C ARG H 98 -4.11 -16.33 18.74
N ILE H 99 -4.98 -16.42 19.74
CA ILE H 99 -6.39 -16.11 19.51
C ILE H 99 -6.56 -14.62 19.24
N GLY H 100 -7.65 -14.29 18.54
CA GLY H 100 -7.84 -12.91 18.11
C GLY H 100 -8.38 -11.98 19.16
N ARG H 101 -9.23 -12.48 20.05
CA ARG H 101 -9.91 -11.59 20.99
C ARG H 101 -10.34 -12.38 22.23
N VAL H 102 -10.29 -11.71 23.37
CA VAL H 102 -10.87 -12.21 24.61
C VAL H 102 -11.96 -11.26 25.04
N VAL H 103 -13.10 -11.81 25.46
CA VAL H 103 -14.25 -11.04 25.90
C VAL H 103 -14.61 -11.53 27.30
N PHE H 104 -14.27 -10.75 28.32
CA PHE H 104 -14.61 -11.09 29.69
C PHE H 104 -15.58 -10.06 30.26
N GLY H 105 -16.38 -10.51 31.23
CA GLY H 105 -17.44 -9.68 31.78
C GLY H 105 -16.96 -8.70 32.82
N VAL H 106 -16.33 -9.20 33.88
CA VAL H 106 -15.89 -8.36 34.99
C VAL H 106 -14.41 -8.57 35.23
N ARG H 107 -13.76 -7.53 35.75
CA ARG H 107 -12.34 -7.56 35.99
C ARG H 107 -12.01 -8.30 37.28
N ASN H 108 -10.78 -8.81 37.35
CA ASN H 108 -10.26 -9.50 38.52
C ASN H 108 -9.26 -8.56 39.18
N ALA H 109 -9.75 -7.71 40.08
CA ALA H 109 -8.91 -6.69 40.71
C ALA H 109 -7.89 -7.24 41.70
N LYS H 110 -7.66 -8.56 41.71
CA LYS H 110 -6.70 -9.17 42.61
C LYS H 110 -5.59 -9.90 41.85
N THR H 111 -5.95 -10.74 40.88
CA THR H 111 -4.96 -11.51 40.13
C THR H 111 -5.18 -11.41 38.62
N GLY H 112 -6.03 -10.50 38.15
CA GLY H 112 -6.32 -10.43 36.73
C GLY H 112 -5.12 -9.93 35.94
N ALA H 113 -4.88 -10.56 34.79
CA ALA H 113 -3.74 -10.24 33.95
C ALA H 113 -4.15 -9.65 32.60
N ALA H 114 -5.27 -8.93 32.58
CA ALA H 114 -5.73 -8.26 31.37
C ALA H 114 -5.98 -6.78 31.61
N GLY H 115 -5.26 -6.20 32.58
CA GLY H 115 -5.38 -4.79 32.87
C GLY H 115 -5.45 -4.44 34.35
N SER H 116 -5.92 -5.40 35.17
CA SER H 116 -6.07 -5.17 36.60
C SER H 116 -4.73 -5.30 37.30
N LEU H 117 -4.24 -6.54 37.54
CA LEU H 117 -2.97 -6.72 38.22
C LEU H 117 -1.77 -6.56 37.27
N MET H 118 -1.92 -6.91 36.00
CA MET H 118 -0.91 -6.64 34.97
C MET H 118 -1.66 -6.75 33.65
N ASP H 119 -0.92 -6.60 32.55
CA ASP H 119 -1.48 -6.78 31.22
C ASP H 119 -0.59 -7.70 30.40
N VAL H 120 -0.86 -9.02 30.42
CA VAL H 120 -0.12 -9.97 29.58
C VAL H 120 -0.61 -9.91 28.16
N LEU H 121 -1.91 -9.73 27.96
CA LEU H 121 -2.44 -9.74 26.59
C LEU H 121 -1.99 -8.51 25.82
N HIS H 122 -1.70 -7.42 26.51
CA HIS H 122 -1.25 -6.19 25.82
C HIS H 122 0.16 -5.82 26.28
N HIS H 123 0.94 -6.79 26.75
CA HIS H 123 2.33 -6.49 27.05
C HIS H 123 3.09 -6.23 25.76
N PRO H 124 3.86 -5.15 25.67
CA PRO H 124 4.54 -4.84 24.41
C PRO H 124 5.69 -5.78 24.08
N GLY H 125 6.26 -6.46 25.07
CA GLY H 125 7.34 -7.40 24.83
C GLY H 125 6.91 -8.79 24.44
N MET H 126 5.61 -8.98 24.22
CA MET H 126 5.05 -10.28 23.87
C MET H 126 5.08 -10.47 22.36
N ASN H 127 5.08 -11.74 21.94
CA ASN H 127 5.07 -12.05 20.52
C ASN H 127 3.68 -11.98 19.89
N HIS H 128 2.63 -11.86 20.69
CA HIS H 128 1.28 -11.73 20.17
C HIS H 128 0.50 -10.76 21.03
N ARG H 129 -0.42 -10.03 20.39
CA ARG H 129 -1.32 -9.11 21.09
C ARG H 129 -2.75 -9.60 20.93
N VAL H 130 -3.43 -9.86 22.05
CA VAL H 130 -4.82 -10.29 22.05
C VAL H 130 -5.70 -9.10 22.40
N GLU H 131 -6.69 -8.83 21.53
CA GLU H 131 -7.60 -7.73 21.77
C GLU H 131 -8.52 -8.04 22.94
N ILE H 132 -8.87 -6.99 23.70
CA ILE H 132 -9.65 -7.12 24.92
C ILE H 132 -10.97 -6.37 24.75
N THR H 133 -12.07 -7.04 25.07
CA THR H 133 -13.40 -6.42 25.09
C THR H 133 -14.07 -6.83 26.40
N GLU H 134 -14.35 -5.86 27.25
CA GLU H 134 -14.91 -6.13 28.57
C GLU H 134 -16.24 -5.41 28.76
N GLY H 135 -16.99 -5.88 29.76
CA GLY H 135 -18.27 -5.30 30.10
C GLY H 135 -19.48 -6.03 29.55
N ILE H 136 -19.29 -7.11 28.80
CA ILE H 136 -20.42 -7.84 28.23
C ILE H 136 -21.10 -8.64 29.33
N LEU H 137 -22.38 -8.35 29.56
CA LEU H 137 -23.15 -8.99 30.64
C LEU H 137 -22.44 -8.83 31.98
N ALA H 138 -22.00 -7.59 32.25
CA ALA H 138 -21.20 -7.33 33.43
C ALA H 138 -21.98 -7.59 34.72
N ASP H 139 -23.27 -7.24 34.73
CA ASP H 139 -24.07 -7.43 35.94
C ASP H 139 -24.22 -8.91 36.28
N GLU H 140 -24.43 -9.75 35.26
CA GLU H 140 -24.51 -11.19 35.50
C GLU H 140 -23.17 -11.76 35.90
N CYS H 141 -22.09 -11.28 35.27
CA CYS H 141 -20.77 -11.81 35.59
C CYS H 141 -20.26 -11.31 36.94
N ALA H 142 -20.63 -10.09 37.33
CA ALA H 142 -20.24 -9.59 38.65
C ALA H 142 -20.92 -10.35 39.77
N ALA H 143 -22.16 -10.78 39.56
CA ALA H 143 -22.82 -11.59 40.58
C ALA H 143 -22.14 -12.94 40.73
N LEU H 144 -21.46 -13.43 39.69
CA LEU H 144 -20.70 -14.66 39.80
C LEU H 144 -19.49 -14.49 40.71
N LEU H 145 -18.99 -13.27 40.88
CA LEU H 145 -17.88 -13.04 41.82
C LEU H 145 -18.32 -13.34 43.24
N CYS H 146 -19.59 -13.11 43.54
CA CYS H 146 -20.18 -13.52 44.81
C CYS H 146 -21.00 -14.78 44.60
N ARG H 147 -20.73 -15.47 43.50
CA ARG H 147 -21.23 -16.81 43.21
C ARG H 147 -22.77 -16.81 43.12
N PHE H 148 -23.33 -15.76 42.54
CA PHE H 148 -24.77 -15.56 42.38
C PHE H 148 -25.18 -15.73 40.92
N PHE H 149 -26.27 -16.48 40.69
CA PHE H 149 -26.79 -16.72 39.36
C PHE H 149 -28.22 -16.21 39.25
N ARG H 150 -28.67 -16.00 38.01
CA ARG H 150 -29.98 -15.46 37.70
C ARG H 150 -31.00 -16.58 37.50
N MET H 151 -32.28 -16.24 37.68
CA MET H 151 -33.39 -17.17 37.50
C MET H 151 -34.40 -16.57 36.51
N PRO H 152 -34.06 -16.52 35.23
CA PRO H 152 -34.97 -15.97 34.22
C PRO H 152 -36.04 -16.99 33.86
N ARG H 153 -37.30 -16.65 34.14
CA ARG H 153 -38.40 -17.57 33.86
C ARG H 153 -39.65 -16.83 33.42
N ARG H 154 -40.03 -15.78 34.16
CA ARG H 154 -41.22 -15.00 33.82
C ARG H 154 -41.17 -13.68 34.58
N VAL H 155 -41.06 -12.57 33.84
CA VAL H 155 -41.09 -11.23 34.42
C VAL H 155 -40.05 -11.05 35.52
#